data_5U63
#
_entry.id   5U63
#
_cell.length_a   79.313
_cell.length_b   153.974
_cell.length_c   58.193
_cell.angle_alpha   90.00
_cell.angle_beta   90.00
_cell.angle_gamma   90.00
#
_symmetry.space_group_name_H-M   'P 21 21 2'
#
loop_
_entity.id
_entity.type
_entity.pdbx_description
1 polymer 'Thioredoxin reductase'
2 non-polymer 'FLAVIN-ADENINE DINUCLEOTIDE'
3 non-polymer GLYCEROL
4 non-polymer 'ACETATE ION'
5 non-polymer 'NADP NICOTINAMIDE-ADENINE-DINUCLEOTIDE PHOSPHATE'
6 non-polymer 'SODIUM ION'
7 water water
#
_entity_poly.entity_id   1
_entity_poly.type   'polypeptide(L)'
_entity_poly.pdbx_seq_one_letter_code
;SNAMSDIKHAKLLILGSGPAGYTAAIYAARANLKPVLVTGLQQGGQLTTTDEIENWPGDFEMTTGSGLMQRMLQHAEKFE
TEIVFDHINRVDLSSRPFKLFGDVQNFTCDALIIATGASARYIGLPSEENYKGRGVSACATCDGFFYRNKPVGVIGGGNT
AVEEALYLANIASTVHLIHRRDSFRAEKILIDRLYKKVEEGKIVLHTDRTLDEVLGDNMGVTGLRLANTKTGEKEELKLD
GLFVAIGHSPNTEIFQGQLELNNGYIVVKSGLDGNATATSVEGVFAAGDVMDHNYRQAITSAGTGCMAALDAERYLDAQE
A
;
_entity_poly.pdbx_strand_id   A,B
#
loop_
_chem_comp.id
_chem_comp.type
_chem_comp.name
_chem_comp.formula
ACT non-polymer 'ACETATE ION' 'C2 H3 O2 -1'
FAD non-polymer 'FLAVIN-ADENINE DINUCLEOTIDE' 'C27 H33 N9 O15 P2'
GOL non-polymer GLYCEROL 'C3 H8 O3'
NA non-polymer 'SODIUM ION' 'Na 1'
NAP non-polymer 'NADP NICOTINAMIDE-ADENINE-DINUCLEOTIDE PHOSPHATE' 'C21 H28 N7 O17 P3'
#
# COMPACT_ATOMS: atom_id res chain seq x y z
N ASP A 6 12.30 35.02 6.21
CA ASP A 6 10.88 34.68 6.09
C ASP A 6 10.62 33.19 6.30
N ILE A 7 10.59 32.76 7.55
CA ILE A 7 10.50 31.33 7.86
C ILE A 7 9.07 30.86 7.69
N LYS A 8 8.85 29.91 6.79
CA LYS A 8 7.53 29.32 6.64
C LYS A 8 7.35 28.20 7.64
N HIS A 9 6.36 28.33 8.51
CA HIS A 9 6.07 27.34 9.55
C HIS A 9 4.86 26.52 9.15
N ALA A 10 4.97 25.20 9.28
CA ALA A 10 3.86 24.29 9.08
C ALA A 10 3.68 23.43 10.31
N LYS A 11 2.43 23.08 10.61
CA LYS A 11 2.21 22.10 11.67
C LYS A 11 2.82 20.77 11.27
N LEU A 12 2.52 20.32 10.06
CA LEU A 12 3.07 19.08 9.51
C LEU A 12 3.71 19.40 8.17
N LEU A 13 4.99 19.07 8.04
CA LEU A 13 5.71 19.25 6.80
C LEU A 13 6.04 17.89 6.23
N ILE A 14 5.76 17.70 4.95
CA ILE A 14 6.06 16.45 4.26
C ILE A 14 7.14 16.73 3.23
N LEU A 15 8.24 15.97 3.29
CA LEU A 15 9.32 16.10 2.31
C LEU A 15 9.20 14.99 1.27
N GLY A 16 8.89 15.37 0.04
CA GLY A 16 8.86 14.42 -1.05
C GLY A 16 7.53 14.37 -1.75
N SER A 17 7.52 14.34 -3.09
CA SER A 17 6.31 14.23 -3.88
C SER A 17 6.29 12.93 -4.69
N GLY A 18 6.70 11.83 -4.05
CA GLY A 18 6.46 10.50 -4.58
C GLY A 18 5.17 9.93 -3.99
N PRO A 19 4.93 8.63 -4.19
CA PRO A 19 3.68 8.05 -3.65
C PRO A 19 3.61 8.09 -2.14
N ALA A 20 4.74 7.97 -1.43
CA ALA A 20 4.68 8.06 0.03
C ALA A 20 4.30 9.47 0.47
N GLY A 21 4.97 10.47 -0.10
CA GLY A 21 4.65 11.85 0.25
C GLY A 21 3.21 12.22 -0.05
N TYR A 22 2.74 11.91 -1.26
CA TYR A 22 1.37 12.29 -1.61
C TYR A 22 0.36 11.53 -0.77
N THR A 23 0.59 10.22 -0.51
CA THR A 23 -0.38 9.50 0.30
C THR A 23 -0.39 10.07 1.70
N ALA A 24 0.79 10.38 2.26
CA ALA A 24 0.80 11.04 3.56
C ALA A 24 0.01 12.34 3.51
N ALA A 25 0.16 13.12 2.43
CA ALA A 25 -0.52 14.40 2.36
C ALA A 25 -2.03 14.22 2.35
N ILE A 26 -2.51 13.26 1.56
CA ILE A 26 -3.94 13.03 1.47
C ILE A 26 -4.52 12.67 2.83
N TYR A 27 -3.89 11.73 3.53
CA TYR A 27 -4.38 11.38 4.85
C TYR A 27 -4.25 12.54 5.84
N ALA A 28 -3.11 13.24 5.82
CA ALA A 28 -2.91 14.36 6.75
C ALA A 28 -3.93 15.48 6.49
N ALA A 29 -4.20 15.75 5.21
CA ALA A 29 -5.19 16.79 4.89
C ALA A 29 -6.58 16.40 5.37
N ARG A 30 -6.93 15.11 5.29
CA ARG A 30 -8.25 14.67 5.75
C ARG A 30 -8.35 14.67 7.27
N ALA A 31 -7.21 14.65 7.96
CA ALA A 31 -7.16 14.79 9.41
C ALA A 31 -7.12 16.25 9.86
N ASN A 32 -7.29 17.19 8.93
CA ASN A 32 -7.30 18.63 9.24
C ASN A 32 -5.97 19.12 9.78
N LEU A 33 -4.88 18.52 9.32
CA LEU A 33 -3.54 18.93 9.73
C LEU A 33 -2.94 20.01 8.82
N LYS A 34 -3.64 20.40 7.75
CA LYS A 34 -3.17 21.42 6.83
C LYS A 34 -1.73 21.18 6.40
N PRO A 35 -1.43 20.02 5.83
CA PRO A 35 -0.03 19.70 5.56
C PRO A 35 0.56 20.61 4.49
N VAL A 36 1.86 20.83 4.60
CA VAL A 36 2.65 21.48 3.58
C VAL A 36 3.58 20.43 3.01
N LEU A 37 3.56 20.25 1.69
CA LEU A 37 4.39 19.24 1.04
C LEU A 37 5.45 19.92 0.19
N VAL A 38 6.72 19.55 0.39
CA VAL A 38 7.83 20.07 -0.41
C VAL A 38 8.12 19.05 -1.52
N THR A 39 8.09 19.49 -2.76
CA THR A 39 8.15 18.56 -3.90
C THR A 39 9.54 17.93 -4.05
N GLY A 40 10.60 18.70 -3.82
CA GLY A 40 11.91 18.25 -4.25
C GLY A 40 12.11 18.51 -5.73
N LEU A 41 13.26 18.07 -6.24
CA LEU A 41 13.64 18.35 -7.62
C LEU A 41 13.04 17.35 -8.60
N GLN A 42 12.49 16.24 -8.13
CA GLN A 42 11.89 15.24 -9.01
C GLN A 42 10.43 15.12 -8.61
N GLN A 43 9.62 16.09 -9.03
CA GLN A 43 8.23 16.07 -8.60
C GLN A 43 7.52 14.85 -9.18
N GLY A 44 6.81 14.13 -8.34
CA GLY A 44 6.28 12.85 -8.74
C GLY A 44 7.18 11.68 -8.41
N GLY A 45 8.47 11.90 -8.21
CA GLY A 45 9.30 10.80 -7.73
C GLY A 45 9.76 9.85 -8.83
N GLN A 46 10.23 8.67 -8.39
CA GLN A 46 10.90 7.74 -9.31
C GLN A 46 9.94 7.23 -10.38
N LEU A 47 8.65 7.10 -10.07
CA LEU A 47 7.72 6.60 -11.08
C LEU A 47 7.66 7.49 -12.31
N THR A 48 8.06 8.77 -12.22
CA THR A 48 8.05 9.56 -13.43
C THR A 48 9.17 9.18 -14.37
N THR A 49 10.07 8.29 -13.94
CA THR A 49 11.11 7.79 -14.81
C THR A 49 10.84 6.35 -15.29
N THR A 50 9.64 5.83 -15.08
CA THR A 50 9.25 4.58 -15.72
C THR A 50 8.10 4.89 -16.68
N ASP A 51 7.88 3.98 -17.62
CA ASP A 51 6.82 4.13 -18.61
C ASP A 51 5.56 3.46 -18.05
N GLU A 52 5.17 2.30 -18.55
CA GLU A 52 3.94 1.70 -18.05
C GLU A 52 4.15 1.14 -16.65
N ILE A 53 3.19 1.37 -15.75
CA ILE A 53 3.16 0.66 -14.48
C ILE A 53 2.03 -0.37 -14.52
N GLU A 54 2.37 -1.61 -14.25
CA GLU A 54 1.42 -2.72 -14.36
C GLU A 54 1.03 -3.34 -13.04
N ASN A 55 1.60 -2.90 -11.93
CA ASN A 55 1.34 -3.53 -10.65
C ASN A 55 0.84 -2.52 -9.61
N TRP A 56 0.20 -1.43 -10.05
CA TRP A 56 -0.51 -0.57 -9.11
C TRP A 56 -1.91 -1.17 -8.98
N PRO A 57 -2.26 -1.78 -7.84
CA PRO A 57 -3.47 -2.63 -7.81
C PRO A 57 -4.74 -1.85 -8.13
N GLY A 58 -5.50 -2.35 -9.09
CA GLY A 58 -6.69 -1.67 -9.55
C GLY A 58 -6.52 -0.84 -10.82
N ASP A 59 -5.28 -0.69 -11.30
CA ASP A 59 -5.02 -0.09 -12.61
C ASP A 59 -4.66 -1.21 -13.58
N PHE A 60 -5.69 -1.82 -14.18
CA PHE A 60 -5.48 -3.01 -15.00
C PHE A 60 -5.48 -2.72 -16.50
N GLU A 61 -5.60 -1.46 -16.90
CA GLU A 61 -5.66 -1.18 -18.33
C GLU A 61 -4.31 -0.67 -18.81
N MET A 62 -4.15 0.65 -18.98
CA MET A 62 -2.85 1.17 -19.39
C MET A 62 -2.60 2.43 -18.56
N THR A 63 -1.65 2.34 -17.63
CA THR A 63 -1.31 3.46 -16.76
C THR A 63 0.19 3.72 -16.84
N THR A 64 0.58 4.99 -16.99
CA THR A 64 1.99 5.31 -16.97
C THR A 64 2.37 5.80 -15.58
N GLY A 65 3.66 5.69 -15.26
CA GLY A 65 4.13 6.24 -14.01
C GLY A 65 3.78 7.71 -13.86
N SER A 66 4.03 8.50 -14.91
CA SER A 66 3.73 9.92 -14.84
C SER A 66 2.23 10.17 -14.71
N GLY A 67 1.41 9.38 -15.40
CA GLY A 67 -0.03 9.53 -15.28
C GLY A 67 -0.54 9.23 -13.88
N LEU A 68 -0.03 8.14 -13.28
CA LEU A 68 -0.41 7.86 -11.89
C LEU A 68 0.02 8.98 -10.95
N MET A 69 1.25 9.49 -11.11
CA MET A 69 1.69 10.49 -10.13
C MET A 69 1.00 11.85 -10.32
N GLN A 70 0.53 12.15 -11.53
CA GLN A 70 -0.27 13.35 -11.73
C GLN A 70 -1.63 13.21 -11.04
N ARG A 71 -2.25 12.03 -11.10
CA ARG A 71 -3.45 11.72 -10.33
C ARG A 71 -3.22 11.95 -8.84
N MET A 72 -2.08 11.49 -8.31
CA MET A 72 -1.84 11.64 -6.87
C MET A 72 -1.65 13.09 -6.50
N LEU A 73 -0.96 13.86 -7.35
CA LEU A 73 -0.87 15.31 -7.15
C LEU A 73 -2.25 15.94 -7.07
N GLN A 74 -3.11 15.64 -8.04
CA GLN A 74 -4.43 16.24 -8.02
C GLN A 74 -5.25 15.75 -6.82
N HIS A 75 -5.00 14.53 -6.38
CA HIS A 75 -5.65 14.02 -5.19
C HIS A 75 -5.24 14.80 -3.94
N ALA A 76 -3.95 15.06 -3.78
CA ALA A 76 -3.48 15.84 -2.64
C ALA A 76 -4.04 17.25 -2.69
N GLU A 77 -4.15 17.81 -3.90
CA GLU A 77 -4.74 19.14 -4.05
C GLU A 77 -6.24 19.14 -3.79
N LYS A 78 -6.94 18.03 -4.08
CA LYS A 78 -8.36 17.95 -3.79
C LYS A 78 -8.66 18.31 -2.34
N PHE A 79 -7.78 17.92 -1.42
CA PHE A 79 -7.95 18.21 -0.01
C PHE A 79 -7.03 19.34 0.45
N GLU A 80 -6.60 20.19 -0.49
CA GLU A 80 -6.01 21.50 -0.19
C GLU A 80 -4.65 21.38 0.47
N THR A 81 -3.93 20.29 0.19
CA THR A 81 -2.52 20.23 0.55
C THR A 81 -1.84 21.44 -0.04
N GLU A 82 -1.00 22.10 0.76
CA GLU A 82 -0.21 23.21 0.25
C GLU A 82 1.06 22.62 -0.35
N ILE A 83 1.24 22.78 -1.66
CA ILE A 83 2.35 22.14 -2.36
C ILE A 83 3.36 23.21 -2.73
N VAL A 84 4.59 23.08 -2.21
CA VAL A 84 5.64 24.07 -2.40
C VAL A 84 6.80 23.44 -3.15
N PHE A 85 7.27 24.11 -4.20
CA PHE A 85 8.51 23.66 -4.82
C PHE A 85 9.69 24.07 -3.96
N ASP A 86 10.51 23.10 -3.58
CA ASP A 86 11.78 23.43 -2.97
C ASP A 86 12.62 22.17 -2.93
N HIS A 87 13.90 22.35 -2.61
CA HIS A 87 14.83 21.26 -2.37
C HIS A 87 15.50 21.56 -1.03
N ILE A 88 15.35 20.67 -0.08
CA ILE A 88 15.96 20.88 1.24
C ILE A 88 17.44 20.48 1.17
N ASN A 89 18.33 21.42 1.50
CA ASN A 89 19.75 21.10 1.48
C ASN A 89 20.37 20.93 2.87
N ARG A 90 19.66 21.23 3.96
CA ARG A 90 20.16 21.00 5.30
C ARG A 90 18.97 20.90 6.26
N VAL A 91 19.07 20.03 7.26
CA VAL A 91 18.05 20.00 8.31
C VAL A 91 18.75 20.02 9.66
N ASP A 92 18.06 20.57 10.66
CA ASP A 92 18.51 20.51 12.03
C ASP A 92 17.35 19.99 12.87
N LEU A 93 17.43 18.74 13.30
CA LEU A 93 16.37 18.11 14.09
C LEU A 93 16.68 18.11 15.58
N SER A 94 17.74 18.79 15.99
CA SER A 94 18.21 18.70 17.36
C SER A 94 17.26 19.34 18.37
N SER A 95 16.43 20.29 17.94
CA SER A 95 15.45 20.90 18.82
C SER A 95 14.16 21.11 18.04
N ARG A 96 13.07 21.28 18.78
CA ARG A 96 11.78 21.57 18.17
C ARG A 96 11.44 23.04 18.34
N PRO A 97 10.74 23.65 17.38
CA PRO A 97 10.26 23.02 16.14
C PRO A 97 11.41 22.68 15.20
N PHE A 98 11.24 21.68 14.36
CA PHE A 98 12.34 21.27 13.50
C PHE A 98 12.66 22.36 12.46
N LYS A 99 13.94 22.49 12.10
CA LYS A 99 14.36 23.50 11.15
C LYS A 99 14.85 22.84 9.86
N LEU A 100 14.36 23.32 8.72
CA LEU A 100 14.77 22.83 7.41
C LEU A 100 15.20 24.00 6.53
N PHE A 101 16.24 23.79 5.74
CA PHE A 101 16.85 24.87 4.98
C PHE A 101 16.84 24.48 3.50
N GLY A 102 16.14 25.28 2.70
CA GLY A 102 15.87 24.93 1.32
C GLY A 102 16.68 25.81 0.38
N ASP A 103 16.72 25.39 -0.88
CA ASP A 103 17.33 26.25 -1.88
C ASP A 103 16.52 27.53 -2.07
N VAL A 104 15.21 27.48 -1.86
CA VAL A 104 14.34 28.63 -2.06
C VAL A 104 13.99 29.30 -0.75
N GLN A 105 13.55 28.52 0.25
CA GLN A 105 13.23 29.17 1.52
C GLN A 105 13.49 28.22 2.67
N ASN A 106 13.37 28.77 3.87
CA ASN A 106 13.56 27.99 5.09
C ASN A 106 12.22 27.66 5.74
N PHE A 107 12.20 26.58 6.49
CA PHE A 107 10.98 26.05 7.08
C PHE A 107 11.22 25.71 8.54
N THR A 108 10.14 25.74 9.33
CA THR A 108 10.07 25.06 10.61
C THR A 108 8.78 24.25 10.68
N CYS A 109 8.76 23.24 11.54
CA CYS A 109 7.55 22.44 11.64
C CYS A 109 7.48 21.74 13.00
N ASP A 110 6.25 21.39 13.39
CA ASP A 110 6.02 20.66 14.63
C ASP A 110 6.09 19.15 14.46
N ALA A 111 5.84 18.66 13.24
CA ALA A 111 6.03 17.26 12.95
C ALA A 111 6.52 17.16 11.51
N LEU A 112 7.37 16.18 11.26
CA LEU A 112 8.04 16.04 9.98
C LEU A 112 7.83 14.63 9.46
N ILE A 113 7.33 14.51 8.23
CA ILE A 113 7.29 13.24 7.52
C ILE A 113 8.32 13.29 6.39
N ILE A 114 9.27 12.37 6.44
CA ILE A 114 10.34 12.28 5.47
C ILE A 114 9.98 11.21 4.45
N ALA A 115 9.86 11.60 3.18
CA ALA A 115 9.60 10.64 2.13
C ALA A 115 10.43 11.01 0.91
N THR A 116 11.74 11.16 1.13
CA THR A 116 12.63 11.64 0.07
C THR A 116 13.10 10.54 -0.87
N GLY A 117 12.67 9.30 -0.69
CA GLY A 117 12.88 8.29 -1.72
C GLY A 117 14.35 7.93 -1.90
N ALA A 118 14.72 7.68 -3.15
CA ALA A 118 16.05 7.18 -3.46
C ALA A 118 16.42 7.68 -4.85
N SER A 119 17.72 7.82 -5.11
CA SER A 119 18.18 8.26 -6.42
C SER A 119 19.30 7.34 -6.95
N ALA A 120 19.41 7.32 -8.28
CA ALA A 120 20.34 6.43 -8.97
C ALA A 120 21.80 6.62 -8.51
N ARG A 121 22.50 5.52 -8.29
CA ARG A 121 23.93 5.61 -8.02
C ARG A 121 24.73 5.54 -9.32
N TYR A 122 26.00 5.96 -9.24
CA TYR A 122 26.90 5.88 -10.38
C TYR A 122 28.09 5.00 -10.07
N ILE A 123 28.78 4.57 -11.13
CA ILE A 123 29.88 3.63 -10.92
C ILE A 123 31.09 4.33 -10.32
N GLY A 124 31.27 5.61 -10.60
CA GLY A 124 32.33 6.39 -9.99
C GLY A 124 33.57 6.61 -10.84
N LEU A 125 33.54 6.25 -12.13
CA LEU A 125 34.70 6.50 -12.99
C LEU A 125 34.78 7.97 -13.42
N PRO A 126 35.98 8.51 -13.56
CA PRO A 126 36.11 9.89 -14.10
C PRO A 126 35.53 10.05 -15.50
N SER A 127 35.67 9.04 -16.37
CA SER A 127 35.13 9.15 -17.72
C SER A 127 33.60 9.11 -17.69
N GLU A 128 33.04 8.34 -16.77
CA GLU A 128 31.59 8.33 -16.55
C GLU A 128 31.11 9.71 -16.15
N GLU A 129 31.77 10.31 -15.16
CA GLU A 129 31.43 11.66 -14.73
C GLU A 129 31.56 12.64 -15.88
N ASN A 130 32.64 12.52 -16.65
CA ASN A 130 32.91 13.44 -17.76
C ASN A 130 31.78 13.47 -18.78
N TYR A 131 31.07 12.35 -18.95
CA TYR A 131 30.04 12.30 -19.98
C TYR A 131 28.63 12.32 -19.42
N LYS A 132 28.48 12.50 -18.10
CA LYS A 132 27.15 12.67 -17.52
C LYS A 132 26.42 13.80 -18.24
N GLY A 133 25.16 13.56 -18.62
CA GLY A 133 24.41 14.54 -19.37
C GLY A 133 24.89 14.79 -20.79
N ARG A 134 25.91 14.09 -21.26
CA ARG A 134 26.36 14.06 -22.66
C ARG A 134 26.53 12.62 -23.16
N GLY A 135 25.53 11.77 -22.88
CA GLY A 135 25.56 10.39 -23.33
C GLY A 135 25.61 9.37 -22.22
N VAL A 136 25.94 9.80 -20.99
CA VAL A 136 25.75 8.98 -19.80
C VAL A 136 24.53 9.51 -19.06
N SER A 137 23.59 8.62 -18.77
CA SER A 137 22.31 8.98 -18.20
C SER A 137 21.96 7.95 -17.14
N ALA A 138 21.05 8.33 -16.26
CA ALA A 138 20.48 7.37 -15.33
C ALA A 138 18.96 7.30 -15.44
N CYS A 139 18.38 7.85 -16.52
CA CYS A 139 16.93 7.87 -16.68
C CYS A 139 16.62 7.54 -18.13
N ALA A 140 16.16 6.31 -18.36
CA ALA A 140 15.90 5.82 -19.70
C ALA A 140 14.75 6.58 -20.36
N THR A 141 13.70 6.89 -19.60
CA THR A 141 12.55 7.58 -20.20
C THR A 141 12.89 9.03 -20.50
N CYS A 142 13.78 9.64 -19.72
CA CYS A 142 14.17 11.03 -20.00
C CYS A 142 14.94 11.12 -21.31
N ASP A 143 15.97 10.28 -21.48
CA ASP A 143 16.95 10.46 -22.56
C ASP A 143 16.86 9.41 -23.65
N GLY A 144 15.94 8.45 -23.56
CA GLY A 144 15.90 7.37 -24.54
C GLY A 144 15.63 7.83 -25.95
N PHE A 145 14.78 8.85 -26.12
N PHE A 145 14.76 8.84 -26.13
CA PHE A 145 14.38 9.27 -27.45
CA PHE A 145 14.35 9.28 -27.46
C PHE A 145 15.57 9.69 -28.29
C PHE A 145 15.51 9.86 -28.28
N PHE A 146 16.64 10.20 -27.65
CA PHE A 146 17.83 10.61 -28.37
C PHE A 146 18.43 9.46 -29.17
N TYR A 147 18.11 8.21 -28.84
CA TYR A 147 18.83 7.07 -29.39
C TYR A 147 17.94 6.20 -30.26
N ARG A 148 16.88 6.77 -30.83
CA ARG A 148 16.04 6.06 -31.79
C ARG A 148 16.90 5.46 -32.87
N ASN A 149 16.86 4.13 -33.01
CA ASN A 149 17.57 3.40 -34.06
C ASN A 149 19.09 3.45 -33.91
N LYS A 150 19.60 3.68 -32.71
CA LYS A 150 21.02 3.71 -32.44
C LYS A 150 21.35 2.73 -31.32
N PRO A 151 22.59 2.26 -31.25
CA PRO A 151 22.97 1.35 -30.16
C PRO A 151 23.13 2.07 -28.83
N VAL A 152 22.65 1.45 -27.76
CA VAL A 152 22.79 1.97 -26.41
C VAL A 152 23.24 0.86 -25.46
N GLY A 153 23.74 1.28 -24.30
CA GLY A 153 24.13 0.34 -23.25
C GLY A 153 23.37 0.61 -21.98
N VAL A 154 23.15 -0.46 -21.20
CA VAL A 154 22.59 -0.41 -19.85
C VAL A 154 23.51 -1.22 -18.96
N ILE A 155 23.94 -0.65 -17.85
CA ILE A 155 24.79 -1.36 -16.91
C ILE A 155 24.00 -1.65 -15.65
N GLY A 156 23.94 -2.91 -15.25
CA GLY A 156 23.31 -3.27 -13.98
C GLY A 156 22.62 -4.61 -14.13
N GLY A 157 22.19 -5.22 -13.03
CA GLY A 157 21.57 -6.53 -13.16
C GLY A 157 20.31 -6.71 -12.32
N GLY A 158 19.74 -5.62 -11.82
CA GLY A 158 18.60 -5.67 -10.94
C GLY A 158 17.34 -5.24 -11.68
N ASN A 159 16.30 -4.92 -10.89
N ASN A 159 16.30 -4.97 -10.87
CA ASN A 159 15.00 -4.68 -11.54
CA ASN A 159 15.00 -4.59 -11.42
C ASN A 159 15.00 -3.35 -12.31
C ASN A 159 15.15 -3.42 -12.38
N THR A 160 15.83 -2.37 -11.93
CA THR A 160 15.93 -1.15 -12.70
C THR A 160 16.62 -1.37 -14.03
N ALA A 161 17.73 -2.12 -14.03
CA ALA A 161 18.41 -2.36 -15.29
C ALA A 161 17.51 -3.08 -16.27
N VAL A 162 16.73 -4.04 -15.77
CA VAL A 162 15.91 -4.84 -16.67
C VAL A 162 14.80 -3.99 -17.27
N GLU A 163 14.13 -3.20 -16.43
CA GLU A 163 13.08 -2.30 -16.91
C GLU A 163 13.62 -1.30 -17.92
N GLU A 164 14.80 -0.75 -17.66
CA GLU A 164 15.33 0.24 -18.59
C GLU A 164 15.74 -0.42 -19.90
N ALA A 165 16.29 -1.63 -19.85
CA ALA A 165 16.64 -2.32 -21.09
C ALA A 165 15.39 -2.64 -21.89
N LEU A 166 14.32 -3.08 -21.22
CA LEU A 166 13.06 -3.38 -21.91
C LEU A 166 12.45 -2.11 -22.50
N TYR A 167 12.48 -1.00 -21.77
CA TYR A 167 11.97 0.25 -22.34
C TYR A 167 12.78 0.63 -23.58
N LEU A 168 14.10 0.64 -23.46
CA LEU A 168 14.94 1.06 -24.57
C LEU A 168 14.85 0.11 -25.77
N ALA A 169 14.41 -1.13 -25.56
CA ALA A 169 14.35 -2.07 -26.68
C ALA A 169 13.30 -1.68 -27.70
N ASN A 170 12.34 -0.82 -27.33
CA ASN A 170 11.38 -0.29 -28.31
C ASN A 170 11.96 0.86 -29.12
N ILE A 171 13.07 1.45 -28.70
CA ILE A 171 13.58 2.68 -29.29
C ILE A 171 14.90 2.45 -30.02
N ALA A 172 15.85 1.84 -29.34
CA ALA A 172 17.23 1.69 -29.81
C ALA A 172 17.33 0.63 -30.92
N SER A 173 18.38 0.71 -31.74
CA SER A 173 18.61 -0.38 -32.69
C SER A 173 19.03 -1.65 -31.95
N THR A 174 19.89 -1.52 -30.93
CA THR A 174 20.35 -2.64 -30.10
C THR A 174 20.59 -2.12 -28.70
N VAL A 175 20.18 -2.91 -27.71
CA VAL A 175 20.44 -2.60 -26.31
C VAL A 175 21.47 -3.58 -25.80
N HIS A 176 22.60 -3.07 -25.33
CA HIS A 176 23.67 -3.88 -24.78
C HIS A 176 23.54 -3.84 -23.26
N LEU A 177 23.08 -4.96 -22.68
CA LEU A 177 22.83 -5.03 -21.25
C LEU A 177 24.03 -5.69 -20.58
N ILE A 178 24.71 -4.95 -19.72
CA ILE A 178 26.04 -5.27 -19.22
C ILE A 178 25.93 -5.50 -17.71
N HIS A 179 26.50 -6.60 -17.21
CA HIS A 179 26.34 -6.92 -15.80
C HIS A 179 27.56 -7.71 -15.35
N ARG A 180 27.96 -7.50 -14.10
CA ARG A 180 29.16 -8.15 -13.58
C ARG A 180 28.91 -9.56 -13.05
N ARG A 181 27.68 -10.05 -13.15
CA ARG A 181 27.33 -11.44 -12.86
C ARG A 181 26.69 -12.02 -14.13
N ASP A 182 26.17 -13.26 -14.03
CA ASP A 182 25.64 -13.95 -15.21
C ASP A 182 24.14 -14.15 -15.14
N SER A 183 23.47 -13.57 -14.14
CA SER A 183 22.02 -13.66 -14.03
C SER A 183 21.48 -12.30 -13.65
N PHE A 184 20.18 -12.11 -13.87
CA PHE A 184 19.51 -10.86 -13.59
C PHE A 184 18.42 -11.08 -12.54
N ARG A 185 18.11 -10.04 -11.78
CA ARG A 185 17.09 -10.07 -10.73
C ARG A 185 16.02 -9.08 -11.11
N ALA A 186 14.83 -9.57 -11.47
CA ALA A 186 13.69 -8.70 -11.76
C ALA A 186 12.43 -9.52 -11.56
N GLU A 187 11.26 -8.86 -11.59
CA GLU A 187 10.02 -9.63 -11.57
C GLU A 187 10.09 -10.67 -12.68
N LYS A 188 9.62 -11.87 -12.39
CA LYS A 188 9.81 -12.95 -13.36
C LYS A 188 9.13 -12.67 -14.68
N ILE A 189 7.97 -12.00 -14.65
CA ILE A 189 7.34 -11.61 -15.91
C ILE A 189 8.27 -10.72 -16.76
N LEU A 190 9.12 -9.90 -16.11
CA LEU A 190 10.04 -9.07 -16.88
C LEU A 190 11.28 -9.84 -17.31
N ILE A 191 11.73 -10.79 -16.49
CA ILE A 191 12.79 -11.69 -16.96
C ILE A 191 12.34 -12.42 -18.21
N ASP A 192 11.08 -12.87 -18.24
CA ASP A 192 10.59 -13.55 -19.43
C ASP A 192 10.64 -12.62 -20.63
N ARG A 193 10.18 -11.38 -20.46
CA ARG A 193 10.25 -10.43 -21.56
C ARG A 193 11.69 -10.17 -21.97
N LEU A 194 12.58 -10.03 -20.98
CA LEU A 194 13.99 -9.79 -21.28
C LEU A 194 14.56 -10.88 -22.18
N TYR A 195 14.36 -12.16 -21.81
CA TYR A 195 14.99 -13.22 -22.59
C TYR A 195 14.33 -13.39 -23.95
N LYS A 196 13.09 -12.99 -24.09
CA LYS A 196 12.50 -12.99 -25.42
C LYS A 196 13.21 -11.97 -26.32
N LYS A 197 13.48 -10.78 -25.79
CA LYS A 197 14.21 -9.79 -26.59
C LYS A 197 15.63 -10.25 -26.86
N VAL A 198 16.23 -10.99 -25.94
CA VAL A 198 17.55 -11.57 -26.18
C VAL A 198 17.48 -12.58 -27.31
N GLU A 199 16.48 -13.46 -27.28
CA GLU A 199 16.35 -14.41 -28.38
C GLU A 199 16.04 -13.73 -29.70
N GLU A 200 15.48 -12.54 -29.67
CA GLU A 200 15.22 -11.82 -30.91
C GLU A 200 16.42 -11.00 -31.38
N GLY A 201 17.50 -10.99 -30.61
CA GLY A 201 18.66 -10.21 -30.97
C GLY A 201 18.56 -8.75 -30.62
N LYS A 202 17.47 -8.32 -30.01
CA LYS A 202 17.25 -6.90 -29.74
C LYS A 202 18.03 -6.44 -28.51
N ILE A 203 18.11 -7.28 -27.49
CA ILE A 203 18.96 -7.05 -26.34
C ILE A 203 20.11 -8.03 -26.41
N VAL A 204 21.34 -7.53 -26.27
CA VAL A 204 22.54 -8.36 -26.32
C VAL A 204 23.12 -8.37 -24.92
N LEU A 205 23.34 -9.56 -24.36
CA LEU A 205 23.80 -9.62 -22.98
C LEU A 205 25.33 -9.60 -22.95
N HIS A 206 25.87 -8.86 -21.99
CA HIS A 206 27.31 -8.83 -21.75
C HIS A 206 27.47 -9.15 -20.28
N THR A 207 27.39 -10.44 -19.94
CA THR A 207 27.47 -10.87 -18.55
C THR A 207 28.92 -11.07 -18.15
N ASP A 208 29.14 -11.05 -16.83
CA ASP A 208 30.50 -11.14 -16.28
C ASP A 208 31.40 -10.07 -16.89
N ARG A 209 30.87 -8.85 -17.01
CA ARG A 209 31.63 -7.69 -17.49
C ARG A 209 31.46 -6.50 -16.54
N THR A 210 32.55 -5.76 -16.34
CA THR A 210 32.50 -4.48 -15.67
C THR A 210 32.93 -3.39 -16.63
N LEU A 211 32.49 -2.18 -16.33
CA LEU A 211 32.87 -0.99 -17.10
C LEU A 211 34.31 -0.63 -16.77
N ASP A 212 35.15 -0.52 -17.80
CA ASP A 212 36.51 -0.05 -17.60
C ASP A 212 36.66 1.43 -17.91
N GLU A 213 35.99 1.91 -18.97
CA GLU A 213 36.11 3.31 -19.37
C GLU A 213 34.96 3.64 -20.31
N VAL A 214 34.37 4.82 -20.11
CA VAL A 214 33.38 5.37 -21.03
C VAL A 214 34.16 6.16 -22.08
N LEU A 215 33.99 5.81 -23.36
CA LEU A 215 34.75 6.44 -24.43
C LEU A 215 33.89 7.43 -25.21
N GLY A 216 34.53 8.43 -25.78
CA GLY A 216 33.81 9.38 -26.58
C GLY A 216 34.73 10.44 -27.14
N ASP A 217 34.13 11.57 -27.52
CA ASP A 217 34.85 12.71 -28.08
C ASP A 217 34.30 13.95 -27.40
N ASN A 218 34.49 15.09 -28.05
CA ASN A 218 34.05 16.35 -27.47
C ASN A 218 32.55 16.53 -27.55
N MET A 219 31.88 15.77 -28.41
CA MET A 219 30.41 15.80 -28.46
C MET A 219 29.82 14.93 -27.34
N GLY A 220 29.98 13.64 -27.44
CA GLY A 220 29.41 12.74 -26.47
C GLY A 220 30.03 11.37 -26.52
N VAL A 221 29.32 10.39 -25.97
CA VAL A 221 29.79 9.02 -25.88
C VAL A 221 29.91 8.41 -27.28
N THR A 222 30.99 7.66 -27.52
CA THR A 222 31.09 6.81 -28.69
C THR A 222 31.22 5.32 -28.38
N GLY A 223 31.54 4.93 -27.14
CA GLY A 223 31.60 3.52 -26.83
C GLY A 223 32.05 3.27 -25.40
N LEU A 224 32.32 2.00 -25.10
CA LEU A 224 32.75 1.53 -23.78
C LEU A 224 33.92 0.58 -23.92
N ARG A 225 34.80 0.60 -22.93
CA ARG A 225 35.71 -0.53 -22.72
C ARG A 225 35.20 -1.33 -21.52
N LEU A 226 34.99 -2.63 -21.74
CA LEU A 226 34.54 -3.55 -20.73
C LEU A 226 35.67 -4.49 -20.34
N ALA A 227 35.59 -5.03 -19.13
CA ALA A 227 36.58 -5.98 -18.63
C ALA A 227 35.88 -7.26 -18.22
N ASN A 228 36.47 -8.39 -18.62
CA ASN A 228 35.99 -9.72 -18.25
C ASN A 228 36.25 -9.98 -16.76
N THR A 229 35.20 -10.23 -15.99
CA THR A 229 35.39 -10.34 -14.54
C THR A 229 36.22 -11.55 -14.15
N LYS A 230 36.37 -12.53 -15.04
CA LYS A 230 37.10 -13.75 -14.69
C LYS A 230 38.52 -13.78 -15.25
N THR A 231 38.80 -13.11 -16.36
CA THR A 231 40.12 -13.14 -16.97
C THR A 231 40.85 -11.81 -16.92
N GLY A 232 40.17 -10.69 -16.67
CA GLY A 232 40.76 -9.38 -16.80
C GLY A 232 40.83 -8.87 -18.22
N GLU A 233 40.51 -9.70 -19.20
CA GLU A 233 40.67 -9.32 -20.61
C GLU A 233 39.73 -8.17 -20.98
N LYS A 234 40.27 -7.19 -21.71
CA LYS A 234 39.52 -6.01 -22.09
C LYS A 234 38.84 -6.19 -23.46
N GLU A 235 37.73 -5.48 -23.65
CA GLU A 235 37.05 -5.46 -24.95
C GLU A 235 36.34 -4.13 -25.13
N GLU A 236 36.17 -3.72 -26.38
CA GLU A 236 35.48 -2.47 -26.66
C GLU A 236 34.15 -2.72 -27.36
N LEU A 237 33.22 -1.82 -27.08
CA LEU A 237 31.86 -1.89 -27.58
C LEU A 237 31.49 -0.52 -28.14
N LYS A 238 30.96 -0.48 -29.34
CA LYS A 238 30.55 0.79 -29.94
C LYS A 238 29.11 1.08 -29.58
N LEU A 239 28.84 2.26 -29.05
CA LEU A 239 27.45 2.63 -28.77
C LEU A 239 27.35 4.14 -28.61
N ASP A 240 26.12 4.63 -28.57
CA ASP A 240 25.88 6.06 -28.61
C ASP A 240 25.43 6.64 -27.28
N GLY A 241 24.94 5.80 -26.37
CA GLY A 241 24.52 6.28 -25.06
C GLY A 241 24.59 5.16 -24.06
N LEU A 242 24.83 5.51 -22.80
CA LEU A 242 24.99 4.59 -21.69
C LEU A 242 24.04 4.98 -20.59
N PHE A 243 23.26 4.03 -20.12
CA PHE A 243 22.31 4.21 -19.04
C PHE A 243 22.79 3.40 -17.85
N VAL A 244 23.08 4.08 -16.75
CA VAL A 244 23.63 3.45 -15.56
C VAL A 244 22.47 3.09 -14.67
N ALA A 245 22.31 1.79 -14.39
CA ALA A 245 21.16 1.28 -13.67
C ALA A 245 21.64 0.28 -12.62
N ILE A 246 22.48 0.76 -11.72
CA ILE A 246 23.11 -0.08 -10.70
C ILE A 246 22.45 0.09 -9.33
N GLY A 247 21.22 0.56 -9.29
CA GLY A 247 20.55 0.67 -8.00
C GLY A 247 20.32 2.13 -7.62
N HIS A 248 19.25 2.35 -6.84
CA HIS A 248 18.89 3.68 -6.35
C HIS A 248 19.18 3.67 -4.85
N SER A 249 20.10 4.67 -4.34
CA SER A 249 20.35 4.67 -2.90
C SER A 249 19.49 5.72 -2.18
N PRO A 250 19.14 5.49 -0.91
CA PRO A 250 18.20 6.40 -0.23
C PRO A 250 18.73 7.83 -0.16
N ASN A 251 17.83 8.79 -0.33
CA ASN A 251 18.15 10.21 -0.33
C ASN A 251 18.19 10.67 1.13
N THR A 252 19.29 10.37 1.82
CA THR A 252 19.42 10.69 3.23
C THR A 252 20.71 11.42 3.58
N GLU A 253 21.46 11.92 2.59
CA GLU A 253 22.67 12.68 2.91
C GLU A 253 22.36 13.79 3.91
N ILE A 254 21.23 14.49 3.73
CA ILE A 254 20.89 15.60 4.61
C ILE A 254 20.50 15.14 6.02
N PHE A 255 20.31 13.84 6.24
CA PHE A 255 19.99 13.34 7.58
C PHE A 255 21.18 12.69 8.29
N GLN A 256 22.34 12.57 7.63
CA GLN A 256 23.53 12.12 8.34
C GLN A 256 23.78 13.06 9.49
N GLY A 257 23.92 12.50 10.69
CA GLY A 257 24.14 13.32 11.85
C GLY A 257 22.87 13.86 12.47
N GLN A 258 21.69 13.51 11.93
CA GLN A 258 20.42 14.02 12.43
C GLN A 258 19.45 12.95 12.87
N LEU A 259 19.56 11.73 12.32
CA LEU A 259 18.63 10.62 12.55
C LEU A 259 19.45 9.34 12.55
N GLU A 260 18.90 8.29 13.15
CA GLU A 260 19.55 7.01 13.02
C GLU A 260 19.37 6.48 11.60
N LEU A 261 20.46 6.11 10.95
CA LEU A 261 20.43 5.51 9.63
C LEU A 261 21.01 4.11 9.72
N ASN A 262 20.58 3.23 8.81
CA ASN A 262 21.20 1.91 8.69
C ASN A 262 21.50 1.70 7.21
N ASN A 263 22.79 1.70 6.87
CA ASN A 263 23.19 1.67 5.46
C ASN A 263 22.47 2.73 4.66
N GLY A 264 22.32 3.91 5.24
CA GLY A 264 21.69 5.02 4.55
C GLY A 264 20.17 5.07 4.64
N TYR A 265 19.52 3.98 5.05
CA TYR A 265 18.06 3.99 5.19
C TYR A 265 17.69 4.57 6.54
N ILE A 266 16.59 5.33 6.60
CA ILE A 266 16.15 5.84 7.89
C ILE A 266 15.57 4.70 8.72
N VAL A 267 16.10 4.51 9.93
CA VAL A 267 15.57 3.49 10.82
C VAL A 267 14.25 3.98 11.40
N VAL A 268 13.23 3.13 11.34
CA VAL A 268 11.95 3.43 11.97
C VAL A 268 11.63 2.33 12.98
N LYS A 269 10.65 2.62 13.83
CA LYS A 269 10.21 1.67 14.85
C LYS A 269 9.76 0.33 14.25
N SER A 270 8.96 0.39 13.18
CA SER A 270 8.34 -0.80 12.58
C SER A 270 7.47 -1.48 13.63
N GLY A 271 7.23 -2.79 13.47
CA GLY A 271 6.53 -3.54 14.51
C GLY A 271 5.03 -3.53 14.30
N LEU A 272 4.34 -4.16 15.24
CA LEU A 272 2.92 -4.46 15.11
C LEU A 272 2.05 -3.64 16.07
N ASP A 273 2.63 -2.66 16.78
CA ASP A 273 1.94 -1.96 17.85
C ASP A 273 1.70 -0.49 17.52
N GLY A 274 1.77 -0.13 16.25
CA GLY A 274 1.56 1.25 15.84
C GLY A 274 2.81 2.10 16.01
N ASN A 275 2.70 3.37 15.58
CA ASN A 275 3.83 4.28 15.57
C ASN A 275 4.99 3.70 14.75
N ALA A 276 4.66 2.90 13.72
CA ALA A 276 5.66 2.10 13.05
C ALA A 276 6.60 2.93 12.18
N THR A 277 6.23 4.15 11.80
CA THR A 277 7.12 4.98 10.99
C THR A 277 7.95 5.94 11.83
N ALA A 278 7.88 5.86 13.16
CA ALA A 278 8.62 6.78 14.01
C ALA A 278 10.12 6.57 13.88
N THR A 279 10.86 7.67 13.64
CA THR A 279 12.31 7.63 13.51
C THR A 279 12.95 7.66 14.90
N SER A 280 14.28 7.80 14.96
CA SER A 280 14.96 7.95 16.25
C SER A 280 14.72 9.32 16.87
N VAL A 281 14.09 10.25 16.16
CA VAL A 281 13.79 11.58 16.72
C VAL A 281 12.27 11.67 16.89
N GLU A 282 11.84 11.98 18.12
CA GLU A 282 10.41 12.09 18.40
C GLU A 282 9.80 13.26 17.62
N GLY A 283 8.70 12.98 16.90
CA GLY A 283 8.04 13.93 16.03
C GLY A 283 8.47 13.87 14.58
N VAL A 284 9.43 13.00 14.25
CA VAL A 284 9.89 12.81 12.88
C VAL A 284 9.57 11.38 12.47
N PHE A 285 8.97 11.22 11.29
CA PHE A 285 8.51 9.94 10.74
C PHE A 285 9.09 9.75 9.35
N ALA A 286 9.20 8.49 8.90
CA ALA A 286 9.75 8.24 7.57
C ALA A 286 8.93 7.21 6.82
N ALA A 287 8.77 7.41 5.51
CA ALA A 287 7.91 6.52 4.71
C ALA A 287 8.52 6.33 3.34
N GLY A 288 8.16 5.22 2.71
CA GLY A 288 8.59 4.98 1.34
C GLY A 288 9.99 4.40 1.24
N ASP A 289 10.57 4.55 0.03
CA ASP A 289 11.84 3.90 -0.25
C ASP A 289 12.94 4.37 0.71
N VAL A 290 12.81 5.56 1.27
CA VAL A 290 13.88 6.06 2.13
C VAL A 290 14.08 5.17 3.36
N MET A 291 13.10 4.33 3.71
CA MET A 291 13.22 3.43 4.86
C MET A 291 13.05 1.96 4.50
N ASP A 292 13.00 1.61 3.21
CA ASP A 292 12.65 0.25 2.79
C ASP A 292 13.72 -0.24 1.83
N HIS A 293 14.56 -1.20 2.27
CA HIS A 293 15.55 -1.76 1.36
C HIS A 293 15.16 -3.13 0.86
N ASN A 294 13.89 -3.51 1.02
CA ASN A 294 13.48 -4.87 0.71
C ASN A 294 12.39 -4.98 -0.33
N TYR A 295 11.43 -4.06 -0.38
CA TYR A 295 10.27 -4.23 -1.25
C TYR A 295 10.28 -3.21 -2.40
N ARG A 296 10.36 -1.93 -2.10
CA ARG A 296 10.71 -0.90 -3.11
C ARG A 296 9.65 -0.77 -4.20
N GLN A 297 8.39 -0.73 -3.78
CA GLN A 297 7.27 -0.64 -4.71
C GLN A 297 6.48 0.64 -4.45
N ALA A 298 5.80 1.12 -5.49
CA ALA A 298 4.91 2.24 -5.28
C ALA A 298 3.84 1.92 -4.24
N ILE A 299 3.24 0.72 -4.33
CA ILE A 299 2.16 0.36 -3.42
C ILE A 299 2.66 0.26 -1.98
N THR A 300 3.85 -0.28 -1.75
CA THR A 300 4.33 -0.34 -0.37
C THR A 300 4.73 1.04 0.12
N SER A 301 5.31 1.87 -0.75
CA SER A 301 5.61 3.24 -0.37
C SER A 301 4.35 4.02 0.00
N ALA A 302 3.30 3.89 -0.81
CA ALA A 302 2.05 4.57 -0.48
C ALA A 302 1.49 4.07 0.86
N GLY A 303 1.61 2.77 1.13
CA GLY A 303 1.11 2.26 2.39
C GLY A 303 1.85 2.84 3.60
N THR A 304 3.18 2.93 3.52
CA THR A 304 3.90 3.54 4.65
C THR A 304 3.67 5.06 4.69
N GLY A 305 3.42 5.69 3.54
CA GLY A 305 3.01 7.10 3.57
C GLY A 305 1.74 7.31 4.37
N CYS A 306 0.75 6.43 4.17
CA CYS A 306 -0.45 6.50 4.99
C CYS A 306 -0.12 6.33 6.47
N MET A 307 0.69 5.32 6.81
CA MET A 307 1.05 5.07 8.20
C MET A 307 1.74 6.29 8.83
N ALA A 308 2.62 6.95 8.08
CA ALA A 308 3.33 8.12 8.62
C ALA A 308 2.36 9.25 8.92
N ALA A 309 1.36 9.45 8.05
CA ALA A 309 0.35 10.48 8.34
C ALA A 309 -0.43 10.13 9.60
N LEU A 310 -0.81 8.85 9.77
CA LEU A 310 -1.60 8.52 10.94
C LEU A 310 -0.75 8.57 12.20
N ASP A 311 0.52 8.19 12.08
CA ASP A 311 1.46 8.31 13.17
C ASP A 311 1.65 9.77 13.56
N ALA A 312 1.85 10.62 12.56
CA ALA A 312 2.04 12.04 12.85
C ALA A 312 0.79 12.67 13.45
N GLU A 313 -0.41 12.25 13.00
CA GLU A 313 -1.64 12.77 13.62
C GLU A 313 -1.70 12.39 15.10
N ARG A 314 -1.43 11.13 15.44
CA ARG A 314 -1.45 10.70 16.83
C ARG A 314 -0.42 11.46 17.65
N TYR A 315 0.76 11.73 17.08
CA TYR A 315 1.77 12.48 17.81
C TYR A 315 1.30 13.91 18.10
N LEU A 316 0.79 14.60 17.07
CA LEU A 316 0.37 15.98 17.28
C LEU A 316 -0.81 16.04 18.25
N ASP A 317 -1.71 15.06 18.20
CA ASP A 317 -2.82 15.03 19.15
C ASP A 317 -2.31 14.96 20.58
N ALA A 318 -1.25 14.20 20.81
CA ALA A 318 -0.72 14.06 22.17
C ALA A 318 0.01 15.31 22.66
N GLN A 319 0.40 16.22 21.75
CA GLN A 319 1.01 17.48 22.17
C GLN A 319 -0.03 18.48 22.69
N GLU A 320 -1.26 18.02 22.93
CA GLU A 320 -2.42 18.83 23.35
C GLU A 320 -3.05 19.52 22.16
N SER B 1 -18.44 -36.69 -8.18
CA SER B 1 -17.27 -36.13 -7.52
C SER B 1 -16.81 -37.02 -6.37
N ASN B 2 -15.50 -37.21 -6.28
CA ASN B 2 -14.85 -38.05 -5.28
C ASN B 2 -13.86 -37.20 -4.46
N ALA B 3 -13.24 -37.85 -3.46
CA ALA B 3 -12.36 -37.13 -2.55
C ALA B 3 -11.07 -36.65 -3.21
N MET B 4 -10.64 -37.26 -4.32
CA MET B 4 -9.43 -36.84 -5.03
C MET B 4 -9.70 -35.64 -5.95
N SER B 5 -10.82 -35.65 -6.65
CA SER B 5 -11.19 -34.54 -7.54
C SER B 5 -11.54 -33.28 -6.76
N ASP B 6 -11.86 -33.41 -5.47
CA ASP B 6 -12.14 -32.27 -4.60
C ASP B 6 -10.88 -31.61 -4.05
N ILE B 7 -9.68 -31.96 -4.53
CA ILE B 7 -8.42 -31.45 -3.96
C ILE B 7 -7.62 -30.75 -5.06
N LYS B 8 -7.79 -29.45 -5.13
CA LYS B 8 -7.01 -28.62 -6.02
C LYS B 8 -5.68 -28.25 -5.36
N HIS B 9 -4.57 -28.53 -6.05
CA HIS B 9 -3.26 -28.09 -5.59
C HIS B 9 -2.89 -26.78 -6.28
N ALA B 10 -2.35 -25.85 -5.49
CA ALA B 10 -1.82 -24.58 -5.96
C ALA B 10 -0.38 -24.41 -5.50
N LYS B 11 0.47 -23.86 -6.36
CA LYS B 11 1.81 -23.51 -5.90
C LYS B 11 1.73 -22.46 -4.80
N LEU B 12 0.88 -21.46 -4.99
CA LEU B 12 0.65 -20.43 -3.98
C LEU B 12 -0.84 -20.24 -3.88
N LEU B 13 -1.37 -20.32 -2.66
CA LEU B 13 -2.79 -20.12 -2.39
C LEU B 13 -2.95 -18.84 -1.59
N ILE B 14 -3.94 -18.03 -1.97
CA ILE B 14 -4.22 -16.78 -1.27
C ILE B 14 -5.63 -16.86 -0.74
N LEU B 15 -5.79 -16.57 0.54
CA LEU B 15 -7.11 -16.59 1.15
C LEU B 15 -7.58 -15.16 1.35
N GLY B 16 -8.64 -14.78 0.64
CA GLY B 16 -9.22 -13.46 0.79
C GLY B 16 -9.22 -12.67 -0.50
N SER B 17 -10.35 -12.03 -0.80
CA SER B 17 -10.48 -11.18 -1.96
C SER B 17 -10.73 -9.72 -1.54
N GLY B 18 -10.03 -9.25 -0.50
CA GLY B 18 -9.94 -7.82 -0.24
C GLY B 18 -8.71 -7.24 -0.92
N PRO B 19 -8.38 -5.98 -0.62
CA PRO B 19 -7.18 -5.38 -1.26
C PRO B 19 -5.87 -6.10 -0.93
N ALA B 20 -5.73 -6.69 0.27
CA ALA B 20 -4.49 -7.43 0.55
C ALA B 20 -4.39 -8.65 -0.36
N GLY B 21 -5.47 -9.45 -0.44
CA GLY B 21 -5.41 -10.66 -1.23
C GLY B 21 -5.21 -10.39 -2.70
N TYR B 22 -5.97 -9.43 -3.26
CA TYR B 22 -5.83 -9.14 -4.69
C TYR B 22 -4.47 -8.56 -5.02
N THR B 23 -3.93 -7.68 -4.16
CA THR B 23 -2.60 -7.14 -4.47
C THR B 23 -1.57 -8.27 -4.41
N ALA B 24 -1.70 -9.19 -3.44
CA ALA B 24 -0.82 -10.35 -3.40
C ALA B 24 -0.94 -11.15 -4.69
N ALA B 25 -2.15 -11.31 -5.20
CA ALA B 25 -2.32 -12.12 -6.40
C ALA B 25 -1.62 -11.47 -7.59
N ILE B 26 -1.80 -10.17 -7.74
CA ILE B 26 -1.15 -9.46 -8.85
C ILE B 26 0.36 -9.64 -8.81
N TYR B 27 0.98 -9.38 -7.66
CA TYR B 27 2.42 -9.58 -7.55
C TYR B 27 2.80 -11.05 -7.71
N ALA B 28 2.03 -11.96 -7.10
CA ALA B 28 2.41 -13.36 -7.19
C ALA B 28 2.29 -13.87 -8.62
N ALA B 29 1.26 -13.43 -9.35
CA ALA B 29 1.10 -13.83 -10.73
C ALA B 29 2.26 -13.34 -11.58
N ARG B 30 2.71 -12.10 -11.33
CA ARG B 30 3.84 -11.55 -12.08
C ARG B 30 5.16 -12.19 -11.68
N ALA B 31 5.19 -12.90 -10.54
CA ALA B 31 6.32 -13.71 -10.13
C ALA B 31 6.20 -15.16 -10.61
N ASN B 32 5.31 -15.40 -11.56
CA ASN B 32 5.12 -16.73 -12.15
C ASN B 32 4.79 -17.77 -11.07
N LEU B 33 4.07 -17.38 -10.02
CA LEU B 33 3.67 -18.35 -9.00
C LEU B 33 2.33 -18.99 -9.28
N LYS B 34 1.67 -18.66 -10.38
CA LYS B 34 0.36 -19.19 -10.76
C LYS B 34 -0.61 -19.21 -9.56
N PRO B 35 -0.95 -18.06 -9.00
CA PRO B 35 -1.73 -18.05 -7.76
C PRO B 35 -3.15 -18.49 -7.97
N VAL B 36 -3.67 -19.16 -6.94
CA VAL B 36 -5.08 -19.44 -6.78
C VAL B 36 -5.57 -18.63 -5.60
N LEU B 37 -6.63 -17.87 -5.81
CA LEU B 37 -7.18 -17.00 -4.77
C LEU B 37 -8.58 -17.49 -4.41
N VAL B 38 -8.80 -17.70 -3.13
CA VAL B 38 -10.09 -18.15 -2.60
C VAL B 38 -10.84 -16.91 -2.11
N THR B 39 -12.05 -16.66 -2.64
CA THR B 39 -12.68 -15.35 -2.42
C THR B 39 -13.16 -15.17 -0.98
N GLY B 40 -13.60 -16.23 -0.31
CA GLY B 40 -14.37 -16.06 0.91
C GLY B 40 -15.80 -15.70 0.59
N LEU B 41 -16.61 -15.51 1.64
CA LEU B 41 -18.03 -15.23 1.47
C LEU B 41 -18.32 -13.76 1.18
N GLN B 42 -17.36 -12.87 1.39
CA GLN B 42 -17.52 -11.45 1.12
C GLN B 42 -16.55 -11.09 0.02
N GLN B 43 -16.94 -11.34 -1.23
CA GLN B 43 -16.00 -11.10 -2.32
C GLN B 43 -15.76 -9.59 -2.48
N GLY B 44 -14.49 -9.20 -2.53
CA GLY B 44 -14.12 -7.78 -2.49
C GLY B 44 -13.85 -7.24 -1.10
N GLY B 45 -14.24 -7.96 -0.04
CA GLY B 45 -13.88 -7.55 1.31
C GLY B 45 -14.71 -6.40 1.87
N GLN B 46 -14.13 -5.75 2.89
CA GLN B 46 -14.88 -4.75 3.64
C GLN B 46 -15.24 -3.55 2.79
N LEU B 47 -14.42 -3.20 1.79
CA LEU B 47 -14.75 -2.01 1.00
C LEU B 47 -16.04 -2.18 0.20
N THR B 48 -16.54 -3.42 0.04
CA THR B 48 -17.84 -3.56 -0.59
C THR B 48 -18.96 -3.16 0.37
N THR B 49 -18.66 -2.91 1.65
CA THR B 49 -19.68 -2.43 2.57
C THR B 49 -19.56 -0.92 2.83
N THR B 50 -18.73 -0.21 2.08
CA THR B 50 -18.72 1.24 2.13
C THR B 50 -19.15 1.78 0.76
N ASP B 51 -19.52 3.06 0.72
CA ASP B 51 -19.90 3.69 -0.54
C ASP B 51 -18.67 4.35 -1.16
N GLU B 52 -18.56 5.68 -1.13
CA GLU B 52 -17.42 6.33 -1.77
C GLU B 52 -16.15 6.10 -0.96
N ILE B 53 -15.04 5.84 -1.64
CA ILE B 53 -13.73 5.87 -0.99
C ILE B 53 -12.95 7.05 -1.54
N GLU B 54 -12.45 7.89 -0.63
CA GLU B 54 -11.82 9.16 -0.99
C GLU B 54 -10.32 9.20 -0.68
N ASN B 55 -9.75 8.13 -0.13
CA ASN B 55 -8.37 8.14 0.28
C ASN B 55 -7.60 6.96 -0.31
N TRP B 56 -8.03 6.46 -1.46
CA TRP B 56 -7.21 5.55 -2.23
C TRP B 56 -6.35 6.40 -3.15
N PRO B 57 -5.03 6.51 -2.93
CA PRO B 57 -4.26 7.62 -3.54
C PRO B 57 -4.23 7.51 -5.05
N GLY B 58 -4.53 8.63 -5.72
CA GLY B 58 -4.68 8.64 -7.16
C GLY B 58 -6.08 8.48 -7.67
N ASP B 59 -7.06 8.18 -6.80
CA ASP B 59 -8.48 8.17 -7.16
C ASP B 59 -9.10 9.42 -6.58
N PHE B 60 -9.01 10.51 -7.35
CA PHE B 60 -9.40 11.83 -6.87
C PHE B 60 -10.75 12.27 -7.40
N GLU B 61 -11.45 11.44 -8.16
CA GLU B 61 -12.72 11.90 -8.70
C GLU B 61 -13.85 11.29 -7.89
N MET B 62 -14.45 10.22 -8.38
CA MET B 62 -15.53 9.57 -7.64
C MET B 62 -15.36 8.06 -7.77
N THR B 63 -14.87 7.43 -6.73
CA THR B 63 -14.63 5.99 -6.73
C THR B 63 -15.40 5.40 -5.56
N THR B 64 -16.03 4.24 -5.78
CA THR B 64 -16.66 3.53 -4.67
C THR B 64 -15.82 2.34 -4.26
N GLY B 65 -16.07 1.85 -3.04
CA GLY B 65 -15.32 0.69 -2.58
C GLY B 65 -15.52 -0.50 -3.51
N SER B 66 -16.77 -0.74 -3.92
CA SER B 66 -17.04 -1.84 -4.84
C SER B 66 -16.42 -1.61 -6.21
N GLY B 67 -16.42 -0.36 -6.70
CA GLY B 67 -15.74 -0.08 -7.96
C GLY B 67 -14.25 -0.40 -7.91
N LEU B 68 -13.58 0.03 -6.84
CA LEU B 68 -12.16 -0.27 -6.71
C LEU B 68 -11.91 -1.76 -6.63
N MET B 69 -12.76 -2.48 -5.89
CA MET B 69 -12.50 -3.91 -5.73
C MET B 69 -12.79 -4.69 -7.01
N GLN B 70 -13.77 -4.26 -7.81
CA GLN B 70 -13.97 -4.86 -9.12
C GLN B 70 -12.75 -4.62 -10.02
N ARG B 71 -12.16 -3.42 -9.94
CA ARG B 71 -10.91 -3.16 -10.67
C ARG B 71 -9.80 -4.12 -10.22
N MET B 72 -9.69 -4.34 -8.91
CA MET B 72 -8.58 -5.20 -8.45
C MET B 72 -8.79 -6.62 -8.93
N LEU B 73 -10.05 -7.08 -8.92
CA LEU B 73 -10.36 -8.41 -9.45
C LEU B 73 -9.94 -8.53 -10.90
N GLN B 74 -10.34 -7.57 -11.73
CA GLN B 74 -9.95 -7.65 -13.13
C GLN B 74 -8.43 -7.57 -13.29
N HIS B 75 -7.78 -6.84 -12.40
CA HIS B 75 -6.32 -6.75 -12.43
C HIS B 75 -5.68 -8.10 -12.13
N ALA B 76 -6.14 -8.80 -11.08
CA ALA B 76 -5.65 -10.15 -10.81
C ALA B 76 -5.93 -11.10 -11.97
N GLU B 77 -7.10 -10.98 -12.59
CA GLU B 77 -7.39 -11.85 -13.74
C GLU B 77 -6.54 -11.49 -14.96
N LYS B 78 -6.12 -10.24 -15.10
CA LYS B 78 -5.26 -9.87 -16.22
C LYS B 78 -3.99 -10.70 -16.24
N PHE B 79 -3.44 -11.01 -15.07
CA PHE B 79 -2.25 -11.83 -15.00
C PHE B 79 -2.58 -13.30 -14.69
N GLU B 80 -3.83 -13.69 -14.93
CA GLU B 80 -4.28 -15.08 -14.98
C GLU B 80 -4.36 -15.73 -13.60
N THR B 81 -4.55 -14.95 -12.53
CA THR B 81 -4.93 -15.53 -11.24
C THR B 81 -6.18 -16.38 -11.40
N GLU B 82 -6.15 -17.60 -10.85
CA GLU B 82 -7.36 -18.40 -10.81
C GLU B 82 -8.19 -18.00 -9.58
N ILE B 83 -9.44 -17.59 -9.81
CA ILE B 83 -10.31 -17.06 -8.75
C ILE B 83 -11.28 -18.17 -8.37
N VAL B 84 -11.27 -18.61 -7.12
CA VAL B 84 -12.12 -19.71 -6.67
C VAL B 84 -13.08 -19.21 -5.62
N PHE B 85 -14.37 -19.42 -5.82
CA PHE B 85 -15.40 -19.02 -4.86
C PHE B 85 -15.52 -20.11 -3.80
N ASP B 86 -14.92 -19.89 -2.64
CA ASP B 86 -15.08 -20.84 -1.55
C ASP B 86 -14.81 -20.09 -0.27
N HIS B 87 -15.05 -20.77 0.83
CA HIS B 87 -14.78 -20.31 2.18
C HIS B 87 -14.06 -21.43 2.91
N ILE B 88 -12.90 -21.14 3.49
CA ILE B 88 -12.13 -22.16 4.21
C ILE B 88 -12.68 -22.34 5.62
N ASN B 89 -13.05 -23.56 5.98
CA ASN B 89 -13.55 -23.76 7.33
C ASN B 89 -12.60 -24.52 8.25
N ARG B 90 -11.43 -24.92 7.77
CA ARG B 90 -10.48 -25.67 8.61
C ARG B 90 -9.16 -25.74 7.84
N VAL B 91 -8.04 -25.72 8.57
CA VAL B 91 -6.72 -25.86 7.97
C VAL B 91 -5.87 -26.81 8.80
N ASP B 92 -4.83 -27.34 8.16
CA ASP B 92 -3.77 -28.12 8.80
C ASP B 92 -2.46 -27.61 8.22
N LEU B 93 -1.72 -26.84 9.01
CA LEU B 93 -0.45 -26.27 8.58
C LEU B 93 0.74 -27.08 9.05
N SER B 94 0.51 -28.27 9.61
CA SER B 94 1.60 -29.03 10.22
C SER B 94 2.45 -29.76 9.19
N SER B 95 2.03 -29.80 7.94
CA SER B 95 2.77 -30.51 6.92
C SER B 95 2.73 -29.67 5.65
N ARG B 96 3.71 -29.88 4.78
CA ARG B 96 3.75 -29.24 3.47
C ARG B 96 3.68 -30.31 2.39
N PRO B 97 2.83 -30.18 1.38
CA PRO B 97 1.92 -29.06 1.09
C PRO B 97 0.91 -28.85 2.20
N PHE B 98 0.58 -27.59 2.48
CA PHE B 98 -0.42 -27.29 3.49
C PHE B 98 -1.81 -27.73 3.02
N LYS B 99 -2.66 -28.10 3.98
CA LYS B 99 -3.98 -28.65 3.69
C LYS B 99 -5.05 -27.67 4.16
N LEU B 100 -5.98 -27.33 3.28
CA LEU B 100 -7.08 -26.44 3.61
C LEU B 100 -8.38 -27.10 3.18
N PHE B 101 -9.44 -26.90 3.96
CA PHE B 101 -10.70 -27.59 3.75
C PHE B 101 -11.79 -26.55 3.62
N GLY B 102 -12.47 -26.54 2.48
CA GLY B 102 -13.40 -25.51 2.14
C GLY B 102 -14.84 -26.00 2.22
N ASP B 103 -15.76 -25.03 2.20
CA ASP B 103 -17.17 -25.40 2.13
C ASP B 103 -17.46 -26.19 0.86
N VAL B 104 -16.82 -25.84 -0.24
CA VAL B 104 -17.10 -26.45 -1.53
C VAL B 104 -16.05 -27.49 -1.91
N GLN B 105 -14.76 -27.19 -1.72
CA GLN B 105 -13.74 -28.18 -2.03
C GLN B 105 -12.55 -27.99 -1.10
N ASN B 106 -11.59 -28.89 -1.22
CA ASN B 106 -10.37 -28.87 -0.42
C ASN B 106 -9.20 -28.44 -1.28
N PHE B 107 -8.11 -28.01 -0.64
CA PHE B 107 -6.96 -27.44 -1.32
C PHE B 107 -5.69 -27.94 -0.65
N THR B 108 -4.60 -27.96 -1.44
CA THR B 108 -3.24 -28.07 -0.94
C THR B 108 -2.41 -26.99 -1.63
N CYS B 109 -1.34 -26.55 -0.96
CA CYS B 109 -0.51 -25.52 -1.56
C CYS B 109 0.90 -25.60 -0.99
N ASP B 110 1.84 -25.09 -1.78
CA ASP B 110 3.24 -25.07 -1.37
C ASP B 110 3.57 -23.85 -0.53
N ALA B 111 2.77 -22.81 -0.62
CA ALA B 111 2.92 -21.61 0.20
C ALA B 111 1.55 -20.98 0.31
N LEU B 112 1.31 -20.28 1.43
CA LEU B 112 -0.02 -19.81 1.76
C LEU B 112 0.06 -18.35 2.17
N ILE B 113 -0.75 -17.49 1.55
CA ILE B 113 -0.89 -16.12 2.00
C ILE B 113 -2.26 -15.98 2.60
N ILE B 114 -2.31 -15.60 3.87
CA ILE B 114 -3.56 -15.40 4.60
C ILE B 114 -3.93 -13.93 4.55
N ALA B 115 -5.06 -13.61 3.93
CA ALA B 115 -5.51 -12.23 3.86
C ALA B 115 -6.99 -12.19 4.16
N THR B 116 -7.39 -12.84 5.24
CA THR B 116 -8.79 -13.01 5.54
C THR B 116 -9.43 -11.83 6.25
N GLY B 117 -8.68 -10.76 6.52
CA GLY B 117 -9.37 -9.53 6.92
C GLY B 117 -10.05 -9.66 8.28
N ALA B 118 -11.17 -8.95 8.43
CA ALA B 118 -11.87 -8.84 9.71
C ALA B 118 -13.36 -8.76 9.39
N SER B 119 -14.19 -9.12 10.38
CA SER B 119 -15.64 -9.03 10.19
C SER B 119 -16.27 -8.27 11.36
N ALA B 120 -17.44 -7.69 11.11
CA ALA B 120 -18.08 -6.84 12.10
C ALA B 120 -18.44 -7.60 13.35
N ARG B 121 -18.19 -6.99 14.52
CA ARG B 121 -18.57 -7.57 15.80
C ARG B 121 -20.01 -7.21 16.14
N TYR B 122 -20.65 -8.05 16.94
CA TYR B 122 -21.94 -7.75 17.54
C TYR B 122 -21.75 -7.52 19.03
N ILE B 123 -22.70 -6.81 19.64
CA ILE B 123 -22.59 -6.49 21.05
C ILE B 123 -22.62 -7.75 21.90
N GLY B 124 -23.47 -8.68 21.53
CA GLY B 124 -23.63 -9.91 22.26
C GLY B 124 -24.91 -10.05 23.04
N LEU B 125 -26.01 -9.32 22.64
CA LEU B 125 -27.22 -9.49 23.43
C LEU B 125 -28.13 -10.54 22.82
N PRO B 126 -28.92 -11.23 23.65
CA PRO B 126 -29.95 -12.15 23.10
C PRO B 126 -30.96 -11.47 22.18
N SER B 127 -31.44 -10.28 22.54
CA SER B 127 -32.39 -9.58 21.67
C SER B 127 -31.73 -9.18 20.35
N GLU B 128 -30.46 -8.80 20.40
CA GLU B 128 -29.73 -8.51 19.17
C GLU B 128 -29.59 -9.74 18.31
N GLU B 129 -29.17 -10.86 18.90
CA GLU B 129 -29.09 -12.11 18.15
C GLU B 129 -30.44 -12.52 17.60
N ASN B 130 -31.51 -12.23 18.34
CA ASN B 130 -32.85 -12.65 17.93
C ASN B 130 -33.29 -11.99 16.64
N TYR B 131 -32.87 -10.76 16.38
CA TYR B 131 -33.41 -9.99 15.26
C TYR B 131 -32.44 -9.81 14.12
N LYS B 132 -31.30 -10.49 14.15
CA LYS B 132 -30.40 -10.49 13.01
C LYS B 132 -31.16 -10.92 11.76
N GLY B 133 -30.94 -10.20 10.66
CA GLY B 133 -31.70 -10.44 9.45
C GLY B 133 -33.15 -10.03 9.52
N ARG B 134 -33.64 -9.63 10.69
CA ARG B 134 -35.00 -9.14 10.85
C ARG B 134 -35.00 -7.70 11.35
N GLY B 135 -33.94 -6.97 11.05
CA GLY B 135 -33.89 -5.58 11.48
C GLY B 135 -32.59 -5.25 12.17
N VAL B 136 -31.79 -6.26 12.47
CA VAL B 136 -30.44 -6.07 13.00
C VAL B 136 -29.45 -6.46 11.92
N SER B 137 -28.49 -5.58 11.66
CA SER B 137 -27.56 -5.74 10.55
C SER B 137 -26.22 -5.15 10.95
N ALA B 138 -25.15 -5.62 10.30
CA ALA B 138 -23.85 -4.99 10.43
C ALA B 138 -23.33 -4.48 9.09
N CYS B 139 -24.21 -4.31 8.09
CA CYS B 139 -23.77 -3.86 6.77
C CYS B 139 -24.78 -2.86 6.26
N ALA B 140 -24.41 -1.58 6.28
CA ALA B 140 -25.34 -0.53 5.89
C ALA B 140 -25.56 -0.52 4.38
N THR B 141 -24.53 -0.78 3.58
CA THR B 141 -24.74 -0.79 2.14
C THR B 141 -25.56 -2.00 1.71
N CYS B 142 -25.48 -3.10 2.46
CA CYS B 142 -26.22 -4.30 2.10
C CYS B 142 -27.72 -4.09 2.28
N ASP B 143 -28.11 -3.45 3.39
CA ASP B 143 -29.50 -3.44 3.83
C ASP B 143 -30.13 -2.05 3.86
N GLY B 144 -29.35 -0.98 3.67
CA GLY B 144 -29.88 0.37 3.83
C GLY B 144 -31.06 0.67 2.93
N PHE B 145 -31.06 0.13 1.70
CA PHE B 145 -32.19 0.30 0.80
C PHE B 145 -33.54 -0.06 1.43
N PHE B 146 -33.57 -1.06 2.30
CA PHE B 146 -34.87 -1.49 2.84
C PHE B 146 -35.41 -0.56 3.90
N TYR B 147 -34.64 0.48 4.26
CA TYR B 147 -35.06 1.45 5.26
C TYR B 147 -35.18 2.86 4.68
N ARG B 148 -35.36 2.95 3.37
CA ARG B 148 -35.65 4.23 2.72
C ARG B 148 -36.82 4.93 3.40
N ASN B 149 -36.57 6.13 3.93
CA ASN B 149 -37.57 6.98 4.56
C ASN B 149 -38.07 6.45 5.90
N LYS B 150 -37.36 5.53 6.53
CA LYS B 150 -37.71 5.01 7.83
C LYS B 150 -36.61 5.35 8.83
N PRO B 151 -36.92 5.37 10.13
CA PRO B 151 -35.86 5.63 11.12
C PRO B 151 -34.97 4.42 11.32
N VAL B 152 -33.66 4.69 11.44
CA VAL B 152 -32.70 3.64 11.70
C VAL B 152 -31.75 4.07 12.81
N GLY B 153 -31.09 3.09 13.39
CA GLY B 153 -30.09 3.33 14.43
C GLY B 153 -28.75 2.77 13.99
N VAL B 154 -27.68 3.48 14.35
CA VAL B 154 -26.30 3.01 14.22
C VAL B 154 -25.69 3.09 15.61
N ILE B 155 -25.01 2.01 16.04
CA ILE B 155 -24.34 1.97 17.34
C ILE B 155 -22.84 1.84 17.13
N GLY B 156 -22.07 2.67 17.82
CA GLY B 156 -20.62 2.70 17.68
C GLY B 156 -20.14 4.14 17.70
N GLY B 157 -18.83 4.30 17.90
CA GLY B 157 -18.29 5.64 18.02
C GLY B 157 -17.08 5.89 17.15
N GLY B 158 -16.71 4.89 16.34
CA GLY B 158 -15.50 4.95 15.55
C GLY B 158 -15.75 5.27 14.09
N ASN B 159 -14.72 5.03 13.28
CA ASN B 159 -14.80 5.44 11.89
C ASN B 159 -15.92 4.69 11.17
N THR B 160 -16.09 3.41 11.49
CA THR B 160 -17.11 2.62 10.82
C THR B 160 -18.51 3.14 11.15
N ALA B 161 -18.75 3.49 12.41
CA ALA B 161 -20.08 3.97 12.80
C ALA B 161 -20.40 5.31 12.14
N VAL B 162 -19.43 6.22 12.10
CA VAL B 162 -19.64 7.51 11.45
C VAL B 162 -19.88 7.33 9.95
N GLU B 163 -19.03 6.53 9.29
CA GLU B 163 -19.22 6.35 7.85
C GLU B 163 -20.58 5.69 7.55
N GLU B 164 -21.00 4.72 8.37
CA GLU B 164 -22.30 4.11 8.13
C GLU B 164 -23.43 5.09 8.38
N ALA B 165 -23.31 5.93 9.41
CA ALA B 165 -24.33 6.94 9.67
C ALA B 165 -24.43 7.93 8.51
N LEU B 166 -23.27 8.40 8.02
CA LEU B 166 -23.27 9.30 6.88
C LEU B 166 -23.91 8.64 5.64
N TYR B 167 -23.60 7.38 5.40
CA TYR B 167 -24.23 6.67 4.28
C TYR B 167 -25.75 6.58 4.46
N LEU B 168 -26.21 6.13 5.64
CA LEU B 168 -27.65 6.01 5.86
C LEU B 168 -28.34 7.36 5.91
N ALA B 169 -27.60 8.44 6.13
CA ALA B 169 -28.24 9.75 6.23
C ALA B 169 -28.89 10.17 4.92
N ASN B 170 -28.48 9.59 3.80
CA ASN B 170 -29.07 9.88 2.48
C ASN B 170 -30.25 8.97 2.13
N ILE B 171 -30.59 8.01 2.99
CA ILE B 171 -31.57 6.97 2.69
C ILE B 171 -32.69 6.93 3.72
N ALA B 172 -32.34 6.85 5.00
CA ALA B 172 -33.31 6.83 6.08
C ALA B 172 -33.97 8.20 6.22
N SER B 173 -35.12 8.22 6.90
CA SER B 173 -35.73 9.50 7.27
C SER B 173 -34.94 10.16 8.39
N THR B 174 -34.49 9.36 9.36
CA THR B 174 -33.62 9.83 10.43
C THR B 174 -32.68 8.70 10.81
N VAL B 175 -31.44 9.07 11.10
CA VAL B 175 -30.41 8.15 11.59
C VAL B 175 -30.13 8.52 13.04
N HIS B 176 -30.27 7.55 13.94
CA HIS B 176 -29.96 7.74 15.35
C HIS B 176 -28.60 7.09 15.64
N LEU B 177 -27.60 7.93 15.87
CA LEU B 177 -26.24 7.45 16.10
C LEU B 177 -26.01 7.36 17.60
N ILE B 178 -25.72 6.15 18.08
CA ILE B 178 -25.76 5.81 19.49
C ILE B 178 -24.38 5.33 19.91
N HIS B 179 -23.92 5.80 21.08
CA HIS B 179 -22.55 5.55 21.48
C HIS B 179 -22.44 5.73 22.99
N ARG B 180 -21.58 4.93 23.61
CA ARG B 180 -21.45 4.92 25.06
C ARG B 180 -20.52 6.02 25.59
N ARG B 181 -20.12 6.96 24.74
CA ARG B 181 -19.32 8.10 25.18
C ARG B 181 -19.88 9.35 24.52
N ASP B 182 -19.35 10.50 24.93
CA ASP B 182 -19.77 11.80 24.42
C ASP B 182 -18.97 12.22 23.20
N SER B 183 -18.13 11.34 22.67
CA SER B 183 -17.12 11.71 21.68
C SER B 183 -17.03 10.62 20.61
N PHE B 184 -16.68 11.03 19.40
CA PHE B 184 -16.53 10.10 18.28
C PHE B 184 -15.10 10.17 17.75
N ARG B 185 -14.53 9.01 17.43
CA ARG B 185 -13.18 8.92 16.88
C ARG B 185 -13.29 8.48 15.42
N ALA B 186 -13.12 9.42 14.51
CA ALA B 186 -13.12 9.13 13.08
C ALA B 186 -12.25 10.19 12.42
N GLU B 187 -11.95 9.96 11.13
CA GLU B 187 -11.24 10.97 10.34
C GLU B 187 -11.91 12.33 10.57
N LYS B 188 -11.11 13.36 10.83
CA LYS B 188 -11.72 14.61 11.24
C LYS B 188 -12.57 15.21 10.12
N ILE B 189 -12.24 14.92 8.85
CA ILE B 189 -13.10 15.36 7.76
C ILE B 189 -14.49 14.70 7.86
N LEU B 190 -14.55 13.43 8.29
CA LEU B 190 -15.84 12.77 8.48
C LEU B 190 -16.59 13.33 9.67
N ILE B 191 -15.88 13.65 10.75
CA ILE B 191 -16.54 14.25 11.90
C ILE B 191 -17.18 15.57 11.52
N ASP B 192 -16.47 16.39 10.74
CA ASP B 192 -17.06 17.62 10.21
C ASP B 192 -18.35 17.31 9.43
N ARG B 193 -18.33 16.29 8.57
CA ARG B 193 -19.55 15.97 7.80
C ARG B 193 -20.66 15.46 8.72
N LEU B 194 -20.29 14.71 9.76
CA LEU B 194 -21.29 14.25 10.73
C LEU B 194 -22.01 15.44 11.37
N TYR B 195 -21.26 16.44 11.81
CA TYR B 195 -21.93 17.49 12.55
C TYR B 195 -22.72 18.42 11.64
N LYS B 196 -22.33 18.54 10.38
CA LYS B 196 -23.20 19.20 9.42
C LYS B 196 -24.54 18.49 9.33
N LYS B 197 -24.54 17.14 9.31
CA LYS B 197 -25.80 16.40 9.28
C LYS B 197 -26.55 16.51 10.59
N VAL B 198 -25.83 16.44 11.73
CA VAL B 198 -26.46 16.63 13.03
C VAL B 198 -27.13 18.00 13.09
N GLU B 199 -26.43 19.02 12.62
CA GLU B 199 -26.97 20.37 12.65
C GLU B 199 -28.12 20.56 11.67
N GLU B 200 -28.18 19.75 10.60
CA GLU B 200 -29.34 19.68 9.72
C GLU B 200 -30.46 18.82 10.30
N GLY B 201 -30.22 18.17 11.43
CA GLY B 201 -31.23 17.30 12.01
C GLY B 201 -31.44 15.99 11.28
N LYS B 202 -30.62 15.68 10.28
CA LYS B 202 -30.77 14.40 9.61
C LYS B 202 -30.18 13.27 10.44
N ILE B 203 -29.14 13.55 11.22
CA ILE B 203 -28.58 12.62 12.19
C ILE B 203 -28.87 13.17 13.57
N VAL B 204 -29.35 12.31 14.46
CA VAL B 204 -29.59 12.64 15.87
C VAL B 204 -28.60 11.85 16.72
N LEU B 205 -27.88 12.55 17.60
CA LEU B 205 -26.84 11.94 18.42
C LEU B 205 -27.42 11.42 19.73
N HIS B 206 -27.04 10.20 20.10
CA HIS B 206 -27.42 9.66 21.40
C HIS B 206 -26.13 9.27 22.13
N THR B 207 -25.50 10.26 22.75
CA THR B 207 -24.25 10.00 23.45
C THR B 207 -24.53 9.51 24.86
N ASP B 208 -23.50 8.89 25.46
CA ASP B 208 -23.56 8.35 26.81
C ASP B 208 -24.72 7.37 26.95
N ARG B 209 -24.83 6.47 25.98
CA ARG B 209 -25.90 5.49 25.91
C ARG B 209 -25.34 4.12 25.55
N THR B 210 -25.85 3.09 26.20
CA THR B 210 -25.58 1.71 25.79
C THR B 210 -26.88 1.03 25.45
N LEU B 211 -26.79 0.06 24.55
CA LEU B 211 -27.95 -0.74 24.18
C LEU B 211 -28.33 -1.65 25.33
N ASP B 212 -29.57 -1.51 25.82
CA ASP B 212 -30.12 -2.35 26.87
C ASP B 212 -30.92 -3.53 26.32
N GLU B 213 -31.67 -3.34 25.24
CA GLU B 213 -32.39 -4.42 24.60
C GLU B 213 -32.84 -3.97 23.21
N VAL B 214 -32.91 -4.90 22.27
CA VAL B 214 -33.48 -4.64 20.94
C VAL B 214 -34.93 -5.12 20.95
N LEU B 215 -35.85 -4.21 20.65
CA LEU B 215 -37.29 -4.44 20.75
C LEU B 215 -37.89 -4.74 19.38
N GLY B 216 -38.89 -5.62 19.36
CA GLY B 216 -39.58 -5.91 18.11
C GLY B 216 -40.80 -6.77 18.34
N ASP B 217 -41.42 -7.17 17.24
CA ASP B 217 -42.59 -8.04 17.25
C ASP B 217 -42.21 -9.41 16.66
N ASN B 218 -43.22 -10.13 16.16
CA ASN B 218 -42.96 -11.43 15.53
C ASN B 218 -42.21 -11.27 14.23
N MET B 219 -42.33 -10.13 13.57
CA MET B 219 -41.79 -9.95 12.23
C MET B 219 -40.45 -9.21 12.20
N GLY B 220 -40.20 -8.29 13.12
CA GLY B 220 -38.91 -7.62 13.07
C GLY B 220 -38.77 -6.53 14.11
N VAL B 221 -37.67 -5.78 13.99
CA VAL B 221 -37.34 -4.75 14.96
C VAL B 221 -38.40 -3.65 14.95
N THR B 222 -38.70 -3.10 16.13
CA THR B 222 -39.54 -1.92 16.25
C THR B 222 -38.92 -0.82 17.09
N GLY B 223 -37.83 -1.06 17.79
CA GLY B 223 -37.23 -0.01 18.58
C GLY B 223 -36.11 -0.56 19.44
N LEU B 224 -35.56 0.35 20.26
CA LEU B 224 -34.46 0.03 21.17
C LEU B 224 -34.77 0.58 22.54
N ARG B 225 -34.36 -0.14 23.59
CA ARG B 225 -34.25 0.43 24.92
C ARG B 225 -32.77 0.74 25.18
N LEU B 226 -32.47 2.02 25.42
CA LEU B 226 -31.11 2.45 25.72
C LEU B 226 -30.99 2.80 27.20
N ALA B 227 -29.78 2.67 27.73
CA ALA B 227 -29.48 3.00 29.11
C ALA B 227 -28.50 4.16 29.16
N ASN B 228 -28.79 5.13 30.01
CA ASN B 228 -27.86 6.21 30.32
C ASN B 228 -26.63 5.62 31.01
N THR B 229 -25.44 5.88 30.44
CA THR B 229 -24.22 5.37 31.06
C THR B 229 -23.93 6.05 32.39
N LYS B 230 -24.41 7.29 32.58
CA LYS B 230 -24.12 8.03 33.81
C LYS B 230 -25.08 7.63 34.93
N THR B 231 -26.38 7.81 34.72
CA THR B 231 -27.38 7.53 35.74
C THR B 231 -27.83 6.08 35.73
N GLY B 232 -28.11 5.53 34.54
CA GLY B 232 -28.82 4.27 34.42
C GLY B 232 -30.25 4.43 33.96
N GLU B 233 -30.67 5.66 33.63
CA GLU B 233 -31.99 5.96 33.11
C GLU B 233 -32.22 5.22 31.79
N LYS B 234 -33.14 4.27 31.80
CA LYS B 234 -33.50 3.55 30.57
C LYS B 234 -34.55 4.34 29.78
N GLU B 235 -34.43 4.26 28.46
CA GLU B 235 -35.34 4.98 27.57
C GLU B 235 -35.50 4.16 26.30
N GLU B 236 -36.63 4.36 25.62
CA GLU B 236 -36.94 3.62 24.41
C GLU B 236 -36.95 4.55 23.20
N LEU B 237 -36.60 4.00 22.04
CA LEU B 237 -36.49 4.73 20.79
C LEU B 237 -37.17 3.91 19.70
N LYS B 238 -38.08 4.55 18.96
CA LYS B 238 -38.78 3.89 17.85
C LYS B 238 -37.92 3.94 16.60
N LEU B 239 -37.67 2.77 16.01
CA LEU B 239 -36.94 2.72 14.75
C LEU B 239 -37.16 1.35 14.12
N ASP B 240 -36.84 1.25 12.84
CA ASP B 240 -37.12 0.05 12.08
C ASP B 240 -35.91 -0.83 11.87
N GLY B 241 -34.71 -0.30 12.03
CA GLY B 241 -33.51 -1.08 11.78
C GLY B 241 -32.35 -0.61 12.62
N LEU B 242 -31.46 -1.54 12.95
CA LEU B 242 -30.29 -1.26 13.75
C LEU B 242 -29.07 -1.79 13.04
N PHE B 243 -28.09 -0.91 12.85
CA PHE B 243 -26.82 -1.26 12.26
C PHE B 243 -25.79 -1.21 13.36
N VAL B 244 -25.11 -2.33 13.57
CA VAL B 244 -24.15 -2.46 14.66
C VAL B 244 -22.77 -2.19 14.06
N ALA B 245 -22.11 -1.15 14.57
CA ALA B 245 -20.86 -0.70 13.96
C ALA B 245 -19.83 -0.47 15.08
N ILE B 246 -19.58 -1.51 15.86
CA ILE B 246 -18.71 -1.41 17.01
C ILE B 246 -17.32 -1.99 16.72
N GLY B 247 -16.92 -2.05 15.46
CA GLY B 247 -15.59 -2.52 15.11
C GLY B 247 -15.62 -3.91 14.48
N HIS B 248 -14.46 -4.31 13.98
CA HIS B 248 -14.28 -5.57 13.27
C HIS B 248 -13.24 -6.42 13.99
N SER B 249 -13.47 -7.74 14.05
CA SER B 249 -12.49 -8.63 14.66
C SER B 249 -11.80 -9.50 13.59
N PRO B 250 -10.48 -9.71 13.70
CA PRO B 250 -9.76 -10.43 12.65
C PRO B 250 -10.28 -11.85 12.46
N ASN B 251 -10.34 -12.30 11.21
CA ASN B 251 -10.91 -13.61 10.84
C ASN B 251 -9.84 -14.68 11.00
N THR B 252 -9.63 -15.13 12.23
CA THR B 252 -8.54 -16.07 12.49
C THR B 252 -8.96 -17.30 13.26
N GLU B 253 -10.26 -17.52 13.45
CA GLU B 253 -10.71 -18.67 14.23
C GLU B 253 -10.17 -19.97 13.67
N ILE B 254 -10.11 -20.10 12.34
CA ILE B 254 -9.61 -21.34 11.73
C ILE B 254 -8.11 -21.53 11.88
N PHE B 255 -7.38 -20.52 12.34
CA PHE B 255 -5.94 -20.69 12.55
C PHE B 255 -5.57 -20.92 14.01
N GLN B 256 -6.54 -20.98 14.91
CA GLN B 256 -6.23 -21.20 16.32
C GLN B 256 -5.51 -22.52 16.52
N GLY B 257 -4.41 -22.47 17.27
CA GLY B 257 -3.60 -23.66 17.45
C GLY B 257 -2.72 -24.02 16.27
N GLN B 258 -2.80 -23.25 15.18
CA GLN B 258 -1.98 -23.43 13.99
C GLN B 258 -0.97 -22.33 13.79
N LEU B 259 -1.28 -21.09 14.18
CA LEU B 259 -0.39 -19.95 14.03
C LEU B 259 -0.31 -19.22 15.36
N GLU B 260 0.80 -18.52 15.58
CA GLU B 260 0.86 -17.66 16.74
C GLU B 260 -0.10 -16.50 16.53
N LEU B 261 -1.01 -16.30 17.46
CA LEU B 261 -1.96 -15.20 17.39
C LEU B 261 -1.76 -14.29 18.61
N ASN B 262 -2.18 -13.04 18.46
CA ASN B 262 -2.14 -12.07 19.55
C ASN B 262 -3.44 -11.30 19.54
N ASN B 263 -4.30 -11.51 20.53
CA ASN B 263 -5.64 -10.91 20.53
C ASN B 263 -6.36 -11.19 19.23
N GLY B 264 -6.20 -12.41 18.70
CA GLY B 264 -6.80 -12.80 17.42
C GLY B 264 -6.10 -12.32 16.15
N TYR B 265 -5.13 -11.40 16.22
CA TYR B 265 -4.37 -11.01 15.03
C TYR B 265 -3.24 -11.99 14.77
N ILE B 266 -2.95 -12.24 13.50
CA ILE B 266 -1.84 -13.10 13.16
C ILE B 266 -0.54 -12.33 13.39
N VAL B 267 0.34 -12.91 14.21
CA VAL B 267 1.65 -12.34 14.50
C VAL B 267 2.56 -12.60 13.30
N VAL B 268 3.18 -11.53 12.77
CA VAL B 268 4.13 -11.67 11.68
C VAL B 268 5.50 -11.14 12.15
N LYS B 269 6.53 -11.49 11.40
CA LYS B 269 7.88 -11.03 11.71
C LYS B 269 7.98 -9.51 11.78
N SER B 270 7.29 -8.81 10.88
CA SER B 270 7.43 -7.34 10.78
C SER B 270 8.92 -6.98 10.57
N GLY B 271 9.33 -5.77 10.98
CA GLY B 271 10.72 -5.40 10.92
C GLY B 271 11.15 -4.84 9.58
N LEU B 272 12.46 -4.55 9.48
CA LEU B 272 13.01 -3.78 8.35
C LEU B 272 13.96 -4.59 7.49
N ASP B 273 14.02 -5.91 7.71
CA ASP B 273 14.98 -6.77 7.03
C ASP B 273 14.30 -7.73 6.07
N GLY B 274 13.09 -7.46 5.68
CA GLY B 274 12.41 -8.35 4.77
C GLY B 274 11.80 -9.53 5.50
N ASN B 275 11.12 -10.36 4.71
CA ASN B 275 10.31 -11.47 5.24
C ASN B 275 9.32 -10.97 6.28
N ALA B 276 8.87 -9.71 6.13
CA ALA B 276 8.10 -9.04 7.18
C ALA B 276 6.72 -9.65 7.41
N THR B 277 6.12 -10.32 6.41
CA THR B 277 4.80 -10.93 6.59
C THR B 277 4.85 -12.41 7.01
N ALA B 278 6.03 -12.95 7.29
CA ALA B 278 6.12 -14.36 7.69
C ALA B 278 5.42 -14.58 9.02
N THR B 279 4.55 -15.59 9.08
CA THR B 279 3.89 -16.00 10.32
C THR B 279 4.82 -16.93 11.11
N SER B 280 4.30 -17.53 12.18
CA SER B 280 5.11 -18.48 12.93
C SER B 280 5.31 -19.80 12.19
N VAL B 281 4.67 -20.00 11.04
CA VAL B 281 4.81 -21.25 10.29
C VAL B 281 5.54 -20.93 8.98
N GLU B 282 6.66 -21.61 8.77
CA GLU B 282 7.46 -21.34 7.57
C GLU B 282 6.64 -21.66 6.31
N GLY B 283 6.60 -20.71 5.39
CA GLY B 283 5.81 -20.87 4.17
C GLY B 283 4.41 -20.29 4.25
N VAL B 284 4.00 -19.77 5.40
CA VAL B 284 2.71 -19.14 5.60
C VAL B 284 2.96 -17.66 5.90
N PHE B 285 2.26 -16.77 5.18
CA PHE B 285 2.43 -15.34 5.29
C PHE B 285 1.06 -14.72 5.53
N ALA B 286 1.03 -13.55 6.17
CA ALA B 286 -0.23 -12.89 6.46
C ALA B 286 -0.15 -11.41 6.10
N ALA B 287 -1.26 -10.86 5.59
CA ALA B 287 -1.27 -9.49 5.12
C ALA B 287 -2.63 -8.88 5.40
N GLY B 288 -2.67 -7.57 5.54
CA GLY B 288 -3.94 -6.86 5.65
C GLY B 288 -4.42 -6.73 7.08
N ASP B 289 -5.73 -6.49 7.19
CA ASP B 289 -6.37 -6.28 8.49
C ASP B 289 -6.31 -7.50 9.41
N VAL B 290 -6.12 -8.72 8.86
CA VAL B 290 -5.98 -9.88 9.73
C VAL B 290 -4.72 -9.79 10.59
N MET B 291 -3.76 -8.94 10.24
CA MET B 291 -2.54 -8.79 11.03
C MET B 291 -2.28 -7.35 11.48
N ASP B 292 -3.21 -6.42 11.29
CA ASP B 292 -2.95 -5.01 11.52
C ASP B 292 -4.05 -4.44 12.39
N HIS B 293 -3.74 -4.16 13.66
CA HIS B 293 -4.73 -3.59 14.54
C HIS B 293 -4.54 -2.10 14.74
N ASN B 294 -3.83 -1.46 13.86
CA ASN B 294 -3.47 -0.07 14.11
C ASN B 294 -3.88 0.89 13.00
N TYR B 295 -3.76 0.48 11.74
CA TYR B 295 -3.98 1.40 10.63
C TYR B 295 -5.30 1.09 9.90
N ARG B 296 -5.45 -0.14 9.41
CA ARG B 296 -6.74 -0.63 8.90
C ARG B 296 -7.26 0.21 7.75
N GLN B 297 -6.42 0.42 6.76
CA GLN B 297 -6.82 1.13 5.55
C GLN B 297 -6.66 0.20 4.37
N ALA B 298 -7.41 0.50 3.30
CA ALA B 298 -7.20 -0.25 2.06
C ALA B 298 -5.76 -0.09 1.56
N ILE B 299 -5.23 1.12 1.60
CA ILE B 299 -3.89 1.32 1.02
C ILE B 299 -2.83 0.58 1.85
N THR B 300 -2.98 0.54 3.16
CA THR B 300 -2.00 -0.20 3.96
C THR B 300 -2.17 -1.70 3.76
N SER B 301 -3.43 -2.16 3.66
CA SER B 301 -3.63 -3.57 3.41
C SER B 301 -3.04 -3.98 2.07
N ALA B 302 -3.19 -3.13 1.05
CA ALA B 302 -2.63 -3.47 -0.25
C ALA B 302 -1.10 -3.53 -0.16
N GLY B 303 -0.49 -2.59 0.54
CA GLY B 303 0.96 -2.64 0.67
C GLY B 303 1.46 -3.93 1.32
N THR B 304 0.81 -4.38 2.40
CA THR B 304 1.28 -5.63 3.01
C THR B 304 0.93 -6.84 2.15
N GLY B 305 -0.14 -6.77 1.36
CA GLY B 305 -0.39 -7.84 0.40
C GLY B 305 0.73 -7.98 -0.62
N CYS B 306 1.23 -6.84 -1.14
CA CYS B 306 2.41 -6.89 -2.00
C CYS B 306 3.58 -7.55 -1.29
N MET B 307 3.86 -7.13 -0.06
CA MET B 307 4.97 -7.70 0.71
C MET B 307 4.83 -9.21 0.88
N ALA B 308 3.62 -9.70 1.15
CA ALA B 308 3.42 -11.14 1.34
C ALA B 308 3.69 -11.91 0.04
N ALA B 309 3.30 -11.36 -1.11
CA ALA B 309 3.65 -12.03 -2.37
C ALA B 309 5.17 -12.08 -2.57
N LEU B 310 5.87 -10.97 -2.28
CA LEU B 310 7.32 -10.93 -2.50
C LEU B 310 8.01 -11.88 -1.50
N ASP B 311 7.50 -11.96 -0.27
CA ASP B 311 8.04 -12.90 0.71
C ASP B 311 7.81 -14.34 0.27
N ALA B 312 6.60 -14.64 -0.24
CA ALA B 312 6.30 -16.00 -0.66
C ALA B 312 7.14 -16.38 -1.86
N GLU B 313 7.39 -15.42 -2.76
CA GLU B 313 8.27 -15.71 -3.89
C GLU B 313 9.68 -16.06 -3.41
N ARG B 314 10.17 -15.33 -2.40
N ARG B 314 10.20 -15.31 -2.44
CA ARG B 314 11.52 -15.61 -1.90
CA ARG B 314 11.52 -15.62 -1.91
C ARG B 314 11.58 -16.97 -1.21
C ARG B 314 11.53 -17.02 -1.29
N TYR B 315 10.50 -17.34 -0.52
CA TYR B 315 10.43 -18.65 0.12
C TYR B 315 10.39 -19.77 -0.93
N LEU B 316 9.49 -19.67 -1.92
CA LEU B 316 9.38 -20.74 -2.91
C LEU B 316 10.66 -20.86 -3.76
N ASP B 317 11.25 -19.73 -4.16
CA ASP B 317 12.53 -19.77 -4.87
C ASP B 317 13.58 -20.53 -4.06
N ALA B 318 13.65 -20.30 -2.75
CA ALA B 318 14.66 -20.97 -1.95
C ALA B 318 14.46 -22.49 -1.86
N GLN B 319 13.27 -22.99 -2.15
CA GLN B 319 13.04 -24.45 -2.05
C GLN B 319 13.63 -25.20 -3.25
PA FAD C . 10.37 8.60 -4.64
O1A FAD C . 11.81 8.42 -4.91
O2A FAD C . 9.34 8.17 -5.70
O5B FAD C . 10.09 10.08 -4.32
C5B FAD C . 11.01 10.84 -3.51
C4B FAD C . 10.56 12.27 -3.50
O4B FAD C . 11.35 12.99 -2.53
C3B FAD C . 10.73 13.00 -4.84
O3B FAD C . 9.63 13.83 -5.14
C2B FAD C . 11.99 13.84 -4.61
O2B FAD C . 11.98 15.06 -5.34
C1B FAD C . 11.84 14.17 -3.13
N9A FAD C . 13.10 14.55 -2.50
C8A FAD C . 14.30 13.88 -2.53
N7A FAD C . 15.27 14.49 -1.92
C5A FAD C . 14.69 15.68 -1.48
C6A FAD C . 15.20 16.80 -0.78
N6A FAD C . 16.46 16.91 -0.38
N1A FAD C . 14.35 17.81 -0.54
C2A FAD C . 13.08 17.72 -0.96
N3A FAD C . 12.49 16.71 -1.61
C4A FAD C . 13.35 15.72 -1.84
N1 FAD C . 7.44 0.57 -8.45
C2 FAD C . 6.29 -0.12 -8.69
O2 FAD C . 5.53 -0.36 -7.77
N3 FAD C . 6.01 -0.55 -9.97
C4 FAD C . 6.79 -0.34 -11.11
O4 FAD C . 6.43 -0.77 -12.20
C4X FAD C . 8.01 0.41 -10.82
N5 FAD C . 8.83 0.69 -11.82
C5X FAD C . 10.00 1.43 -11.54
C6 FAD C . 10.88 1.74 -12.58
C7 FAD C . 12.04 2.48 -12.34
C7M FAD C . 12.96 2.80 -13.49
C8 FAD C . 12.33 2.91 -11.03
C8M FAD C . 13.59 3.71 -10.74
C9 FAD C . 11.45 2.61 -10.00
C9A FAD C . 10.29 1.87 -10.24
N10 FAD C . 9.40 1.54 -9.20
C10 FAD C . 8.25 0.82 -9.46
C1' FAD C . 9.70 1.91 -7.81
C2' FAD C . 8.91 3.10 -7.34
O2' FAD C . 9.10 4.15 -8.28
C3' FAD C . 9.37 3.50 -5.94
O3' FAD C . 9.23 2.38 -5.05
C4' FAD C . 8.52 4.66 -5.40
O4' FAD C . 8.51 5.73 -6.36
C5' FAD C . 8.99 5.11 -4.04
O5' FAD C . 8.24 6.26 -3.65
P FAD C . 8.78 7.27 -2.56
O1P FAD C . 7.69 8.32 -2.37
O2P FAD C . 9.24 6.58 -1.31
O3P FAD C . 10.02 7.95 -3.25
C1 GOL D . -10.14 18.47 5.33
O1 GOL D . -11.09 18.93 6.27
C2 GOL D . -9.88 19.56 4.29
O2 GOL D . -10.85 20.57 4.42
C3 GOL D . -9.96 18.92 2.90
O3 GOL D . -10.29 19.88 1.93
C1 GOL E . 4.16 -4.08 8.98
O1 GOL E . 5.33 -4.83 9.22
C2 GOL E . 3.85 -3.22 10.21
O2 GOL E . 4.94 -2.37 10.53
C3 GOL E . 2.56 -2.41 10.01
O3 GOL E . 1.45 -3.27 9.80
C1 GOL F . 21.94 11.93 16.20
O1 GOL F . 22.06 13.27 15.76
C2 GOL F . 22.59 10.91 15.27
O2 GOL F . 23.72 10.33 15.88
C3 GOL F . 21.58 9.78 15.06
O3 GOL F . 21.37 9.11 16.29
C ACT G . 15.81 15.91 -5.01
O ACT G . 15.09 15.11 -5.70
OXT ACT G . 15.29 17.00 -4.66
CH3 ACT G . 17.22 15.57 -4.63
C ACT H . 22.22 -9.68 -9.39
O ACT H . 22.44 -10.66 -10.18
OXT ACT H . 23.01 -8.72 -9.44
CH3 ACT H . 21.10 -9.62 -8.40
PA NAP I . 21.65 -3.40 -5.67
O1A NAP I . 20.72 -4.60 -5.72
O2A NAP I . 22.94 -3.48 -4.88
O5B NAP I . 22.09 -3.01 -7.20
C5B NAP I . 21.30 -3.35 -8.36
C4B NAP I . 22.15 -4.01 -9.45
O4B NAP I . 23.29 -3.23 -9.86
C3B NAP I . 22.71 -5.35 -9.00
O3B NAP I . 22.58 -6.21 -10.14
C2B NAP I . 24.16 -5.06 -8.64
O2B NAP I . 25.01 -6.17 -8.84
C1B NAP I . 24.49 -3.97 -9.65
N9A NAP I . 25.53 -3.06 -9.15
C8A NAP I . 25.49 -2.42 -7.96
N7A NAP I . 26.59 -1.63 -7.79
C5A NAP I . 27.34 -1.79 -8.90
C6A NAP I . 28.61 -1.24 -9.39
N6A NAP I . 29.29 -0.38 -8.59
N1A NAP I . 29.07 -1.61 -10.61
C2A NAP I . 28.38 -2.51 -11.36
N3A NAP I . 27.20 -3.06 -11.00
C4A NAP I . 26.63 -2.72 -9.80
O3 NAP I . 20.85 -2.09 -5.13
PN NAP I . 19.25 -1.80 -5.28
O1N NAP I . 18.62 -2.36 -3.89
O2N NAP I . 19.05 -0.30 -5.24
O5D NAP I . 18.68 -2.59 -6.45
P2B NAP I . 25.53 -7.09 -7.60
O1X NAP I . 24.36 -8.02 -7.39
O2X NAP I . 25.78 -6.09 -6.49
O3X NAP I . 26.75 -7.75 -8.14
PA FAD J . -10.95 -7.55 3.95
O1A FAD J . -11.30 -6.42 3.05
O2A FAD J . -11.68 -7.73 5.24
O5B FAD J . -11.02 -8.87 3.12
C5B FAD J . -10.99 -10.15 3.76
C4B FAD J . -11.28 -11.19 2.71
O4B FAD J . -11.05 -12.51 3.27
C3B FAD J . -12.73 -11.19 2.21
O3B FAD J . -12.79 -11.35 0.79
C2B FAD J . -13.35 -12.39 2.94
O2B FAD J . -14.39 -12.98 2.15
C1B FAD J . -12.16 -13.32 2.99
N9A FAD J . -12.26 -14.36 4.01
C8A FAD J . -12.53 -14.23 5.34
N7A FAD J . -12.55 -15.36 6.00
C5A FAD J . -12.26 -16.32 5.03
C6A FAD J . -12.15 -17.72 5.07
N6A FAD J . -12.31 -18.46 6.17
N1A FAD J . -11.86 -18.35 3.90
C2A FAD J . -11.69 -17.62 2.79
N3A FAD J . -11.77 -16.31 2.64
C4A FAD J . -12.09 -15.71 3.80
N1 FAD J . -10.34 1.88 4.18
C2 FAD J . -9.84 2.94 3.48
O2 FAD J . -8.64 2.99 3.17
N3 FAD J . -10.69 3.98 3.12
C4 FAD J . -12.06 4.06 3.43
O4 FAD J . -12.74 5.02 3.06
C4X FAD J . -12.57 2.92 4.17
N5 FAD J . -13.86 2.90 4.48
C5X FAD J . -14.34 1.80 5.16
C6 FAD J . -15.70 1.76 5.50
C7 FAD J . -16.23 0.67 6.18
C7M FAD J . -17.70 0.66 6.54
C8 FAD J . -15.39 -0.39 6.56
C8M FAD J . -15.93 -1.58 7.31
C9 FAD J . -14.03 -0.35 6.22
C9A FAD J . -13.50 0.74 5.54
N10 FAD J . -12.14 0.80 5.19
C10 FAD J . -11.63 1.88 4.50
C1' FAD J . -11.21 -0.24 5.62
C2' FAD J . -10.83 -1.21 4.52
O2' FAD J . -12.05 -1.69 3.97
C3' FAD J . -10.03 -2.35 5.14
O3' FAD J . -8.88 -1.80 5.78
C4' FAD J . -9.53 -3.32 4.08
O4' FAD J . -10.62 -3.79 3.29
C5' FAD J . -8.78 -4.51 4.66
O5' FAD J . -8.40 -5.34 3.56
P FAD J . -8.06 -6.85 3.75
O1P FAD J . -7.84 -7.46 2.36
O2P FAD J . -6.97 -7.01 4.72
O3P FAD J . -9.42 -7.48 4.37
C1 GOL K . -17.01 3.04 -9.42
O1 GOL K . -15.95 3.19 -8.50
C2 GOL K . -17.26 4.45 -9.94
O2 GOL K . -16.53 4.65 -11.13
C3 GOL K . -18.74 4.64 -10.16
O3 GOL K . -18.93 6.00 -10.49
C1 GOL L . 3.15 -13.79 -15.70
O1 GOL L . 4.45 -14.06 -16.21
C2 GOL L . 2.10 -14.02 -16.77
O2 GOL L . 2.25 -15.33 -17.30
C3 GOL L . 0.71 -13.85 -16.16
O3 GOL L . -0.22 -13.50 -17.15
C1 GOL M . 8.25 -2.53 5.87
O1 GOL M . 9.30 -1.68 5.44
C2 GOL M . 8.12 -2.50 7.39
O2 GOL M . 7.75 -3.77 7.94
C3 GOL M . 7.15 -1.42 7.84
O3 GOL M . 7.09 -1.46 9.24
C ACT N . -15.90 -15.01 5.18
O ACT N . -15.69 -15.84 4.26
OXT ACT N . -16.05 -13.80 4.83
CH3 ACT N . -15.98 -15.42 6.62
PA NAP O . -12.90 0.17 18.10
O1A NAP O . -12.57 -0.79 19.22
O2A NAP O . -12.10 1.45 17.90
O5B NAP O . -14.46 0.51 18.24
C5B NAP O . -15.08 1.59 17.53
C4B NAP O . -16.21 2.12 18.40
O4B NAP O . -17.10 1.08 18.81
C3B NAP O . -15.60 2.71 19.65
O3B NAP O . -16.02 4.07 19.83
C2B NAP O . -16.06 1.79 20.77
O2B NAP O . -16.32 2.49 21.97
C1B NAP O . -17.30 1.14 20.22
N9A NAP O . -17.52 -0.21 20.79
C8A NAP O . -16.67 -1.25 20.70
N7A NAP O . -17.17 -2.36 21.31
C5A NAP O . -18.37 -2.04 21.83
C6A NAP O . -19.43 -2.73 22.59
N6A NAP O . -19.32 -4.04 22.96
N1A NAP O . -20.53 -2.02 22.92
C2A NAP O . -20.68 -0.73 22.57
N3A NAP O . -19.76 -0.03 21.87
C4A NAP O . -18.59 -0.62 21.48
O3 NAP O . -12.94 -0.64 16.70
PN NAP O . -11.81 -1.67 16.19
O1N NAP O . -12.38 -3.06 16.24
O2N NAP O . -10.51 -1.35 16.92
O5D NAP O . -11.65 -1.26 14.63
P2B NAP O . -15.12 2.91 22.95
O1X NAP O . -15.85 3.03 24.26
O2X NAP O . -14.17 1.74 22.88
O3X NAP O . -14.61 4.22 22.34
NA NA P . -15.33 6.84 -11.25
#